data_3EJT
#
_entry.id   3EJT
#
_cell.length_a   69.372
_cell.length_b   110.384
_cell.length_c   139.924
_cell.angle_alpha   90.000
_cell.angle_beta   90.000
_cell.angle_gamma   90.000
#
_symmetry.space_group_name_H-M   'P 21 21 21'
#
loop_
_entity.id
_entity.type
_entity.pdbx_description
1 polymer 'Alpha-mannosidase 2'
2 non-polymer 2-acetamido-2-deoxy-beta-D-glucopyranose
3 non-polymer 'ZINC ION'
4 non-polymer (4R)-2-METHYLPENTANE-2,4-DIOL
5 non-polymer 'DIMETHYL SULFOXIDE'
6 non-polymer (1S,2R,5R,8R,8aR)-5-[2-(4-tert-butylphenyl)ethyl]octahydroindolizine-1,2,8-triol
7 water water
#
_entity_poly.entity_id   1
_entity_poly.type   'polypeptide(L)'
_entity_poly.pdbx_seq_one_letter_code
;RSSHHHHHHGEFDDPIRPPLKVARSPRPGQCQDVVQDVPNVDVQMLELYDRMSFKDIDGGVWKQGWNIKYDPLKYNAHHK
LKVFVVPHSHNDPGWIQTFEEYYQHDTKHILSNALRHLHDNPEMKFIWAEISYFARFYHDLGENKKLQMKSIVKNGQLEF
VTGGWVMPDEANSHWRNVLLQLTEGQTWLKQFMNVTPTASWAIDPFGHSPTMPYILQKSGFKNMLIQRTHYSVKKELAQQ
RQLEFLWRQIWDNKGDTALFTHMMPFYSYDIPHTCGPDPKVCCQFDFKRMGSFGLSCPWKVPPRTISDQNVAARSDLLVD
QWKKKAELYRTNVLLIPLGDDFRFKQNTEWDVQRVNYERLFEHINSQAHFNVQAQFGTLQEYFDAVHQAERAGQAEFPTL
SGDFFTYADRSDNYWSGYYTSRPYHKRMDRVLMHYVRAAEMLSAWHSWDGMARIEERLEQARRELSLFQHHDGITGTAKT
HVVVDYEQRMQEALKACQMVMQQSVYRLLTKPSIYSPDFSFSYFTLDDSRWPGSGVEDSRTTIILGEDILPSKHVVMHNT
LPHWREQLVDFYVSSPFVSVTDLANNPVEAQVSPVWSWHHDTLTKTIHPQGSTTKYRIIFKARVPPMGLATYVLTISDSK
PEHTSYASNLLLRKNPTSLPLGQYPEDVKFGDPREISLRVGNGPTLAFSEQGLLKSIQLTQDSPHVPVHFKFLKYGVRSH
GDRSGAYLFLPNGPASPVELGQPVVLVTKGKLESSVSVGLPSVVHQTIMRGGAPEIRNLVDIGSLDNTEIVMRLETHIDS
GDIFYTDLNGLQFIKRRRLDKLPLQANYYPIPSGMFIEDANTRLTLLTGQPLGGSSLASGELEIMQDRRLASDDERGLGQ
GVLDNKPVLHIYRLVLEKVNNCVRPSKLHPAGYLTSAAHKASQSLLDPLDKFIFAENEWIGAQGQFGGDHPSAREDLDVS
VMRRLTKSSAKTQRVGYVLHRTNLMQCGTPEEHTQKLDVCHLLPNVARCERTTLTFLQNLEHLDGMVAPEVCPMETAAYV
SSHSS
;
_entity_poly.pdbx_strand_id   A
#
# COMPACT_ATOMS: atom_id res chain seq x y z
N GLN A 30 22.54 -20.31 10.71
CA GLN A 30 21.45 -19.60 11.43
C GLN A 30 20.40 -19.06 10.45
N CYS A 31 20.70 -17.94 9.79
CA CYS A 31 19.76 -17.33 8.83
C CYS A 31 19.70 -18.13 7.54
N GLN A 32 18.48 -18.31 7.01
CA GLN A 32 18.28 -18.88 5.67
C GLN A 32 18.92 -17.97 4.62
N ASP A 33 19.48 -18.60 3.60
CA ASP A 33 20.03 -17.88 2.43
C ASP A 33 18.87 -17.60 1.45
N VAL A 34 18.54 -16.33 1.24
CA VAL A 34 17.37 -15.97 0.42
C VAL A 34 17.70 -15.76 -1.07
N VAL A 35 18.97 -15.99 -1.42
CA VAL A 35 19.45 -15.76 -2.79
C VAL A 35 19.80 -17.02 -3.58
N GLN A 36 20.49 -17.96 -2.93
CA GLN A 36 21.23 -19.03 -3.64
C GLN A 36 20.57 -20.40 -3.64
N ASP A 37 19.48 -20.55 -2.89
CA ASP A 37 18.76 -21.84 -2.76
C ASP A 37 17.33 -21.70 -3.34
N VAL A 38 17.08 -22.28 -4.52
CA VAL A 38 15.73 -22.21 -5.14
C VAL A 38 14.78 -23.17 -4.39
N PRO A 39 13.70 -22.64 -3.78
CA PRO A 39 12.79 -23.55 -3.06
C PRO A 39 12.14 -24.58 -3.96
N ASN A 40 11.94 -25.78 -3.39
CA ASN A 40 11.20 -26.84 -4.05
C ASN A 40 9.75 -26.83 -3.58
N VAL A 41 8.85 -26.38 -4.46
CA VAL A 41 7.40 -26.30 -4.13
C VAL A 41 6.59 -27.07 -5.17
N ASP A 42 5.39 -27.53 -4.79
CA ASP A 42 4.52 -28.23 -5.76
C ASP A 42 3.98 -27.31 -6.85
N VAL A 43 3.63 -26.08 -6.47
CA VAL A 43 3.09 -25.09 -7.41
C VAL A 43 3.91 -23.81 -7.26
N GLN A 44 4.55 -23.36 -8.34
CA GLN A 44 5.27 -22.08 -8.36
C GLN A 44 4.57 -21.23 -9.42
N MET A 45 3.98 -20.10 -9.02
CA MET A 45 3.04 -19.44 -9.92
C MET A 45 3.63 -18.92 -11.25
N LEU A 46 4.90 -18.49 -11.24
CA LEU A 46 5.55 -18.05 -12.51
C LEU A 46 5.70 -19.26 -13.45
N GLU A 47 6.08 -20.41 -12.90
CA GLU A 47 6.23 -21.63 -13.72
C GLU A 47 4.86 -22.06 -14.24
N LEU A 48 3.85 -22.01 -13.37
CA LEU A 48 2.48 -22.35 -13.78
C LEU A 48 2.00 -21.46 -14.94
N TYR A 49 2.23 -20.16 -14.80
CA TYR A 49 1.92 -19.21 -15.87
C TYR A 49 2.58 -19.55 -17.23
N ASP A 50 3.84 -19.97 -17.16
CA ASP A 50 4.60 -20.29 -18.38
C ASP A 50 3.97 -21.47 -19.14
N ARG A 51 3.46 -22.45 -18.38
CA ARG A 51 2.85 -23.71 -18.89
C ARG A 51 1.38 -23.58 -19.34
N MET A 52 0.58 -22.82 -18.61
CA MET A 52 -0.87 -22.70 -18.87
C MET A 52 -1.22 -22.05 -20.21
N SER A 53 -2.33 -22.49 -20.82
CA SER A 53 -2.76 -21.92 -22.12
C SER A 53 -3.80 -20.78 -22.04
N PHE A 54 -4.49 -20.67 -20.91
CA PHE A 54 -5.45 -19.60 -20.63
C PHE A 54 -6.63 -19.57 -21.61
N LYS A 55 -7.01 -20.72 -22.16
CA LYS A 55 -8.16 -20.74 -23.09
C LYS A 55 -9.46 -20.49 -22.38
N ASP A 56 -10.28 -19.62 -22.95
CA ASP A 56 -11.55 -19.23 -22.37
C ASP A 56 -12.71 -19.99 -23.02
N ILE A 57 -12.85 -21.26 -22.64
CA ILE A 57 -13.89 -22.09 -23.25
C ILE A 57 -15.11 -22.23 -22.36
N ASP A 58 -16.26 -22.45 -23.00
CA ASP A 58 -17.53 -22.62 -22.32
C ASP A 58 -17.57 -23.98 -21.64
N GLY A 59 -17.55 -23.98 -20.31
CA GLY A 59 -17.53 -25.20 -19.54
C GLY A 59 -18.89 -25.79 -19.22
N GLY A 60 -19.95 -25.15 -19.68
CA GLY A 60 -21.32 -25.57 -19.33
C GLY A 60 -21.90 -24.67 -18.25
N VAL A 61 -22.70 -25.24 -17.34
CA VAL A 61 -23.30 -24.47 -16.25
C VAL A 61 -22.21 -23.81 -15.38
N TRP A 62 -21.11 -24.50 -15.15
CA TRP A 62 -19.91 -23.89 -14.57
C TRP A 62 -19.15 -23.32 -15.77
N LYS A 63 -19.39 -22.03 -16.06
CA LYS A 63 -19.00 -21.46 -17.35
C LYS A 63 -17.49 -21.51 -17.59
N GLN A 64 -16.72 -21.39 -16.50
CA GLN A 64 -15.26 -21.36 -16.59
C GLN A 64 -14.57 -22.62 -16.08
N GLY A 65 -15.36 -23.68 -15.89
CA GLY A 65 -14.84 -24.98 -15.44
C GLY A 65 -15.20 -26.11 -16.40
N TRP A 66 -15.83 -27.15 -15.85
CA TRP A 66 -16.26 -28.35 -16.61
C TRP A 66 -17.42 -28.98 -15.86
N ASN A 67 -18.07 -29.98 -16.46
CA ASN A 67 -19.18 -30.70 -15.83
C ASN A 67 -18.61 -31.69 -14.80
N ILE A 68 -18.70 -31.33 -13.51
CA ILE A 68 -18.13 -32.13 -12.45
C ILE A 68 -18.90 -33.45 -12.27
N LYS A 69 -18.14 -34.54 -12.18
CA LYS A 69 -18.69 -35.88 -11.91
C LYS A 69 -18.20 -36.40 -10.56
N TYR A 70 -19.05 -37.15 -9.86
CA TYR A 70 -18.65 -37.76 -8.59
C TYR A 70 -19.20 -39.19 -8.50
N ASP A 71 -18.55 -40.02 -7.69
CA ASP A 71 -19.00 -41.38 -7.38
C ASP A 71 -19.93 -41.32 -6.16
N PRO A 72 -21.23 -41.61 -6.35
CA PRO A 72 -22.15 -41.54 -5.20
C PRO A 72 -21.73 -42.45 -4.03
N LEU A 73 -20.95 -43.48 -4.32
CA LEU A 73 -20.48 -44.40 -3.27
C LEU A 73 -19.28 -43.91 -2.45
N LYS A 74 -18.74 -42.74 -2.79
CA LYS A 74 -17.60 -42.16 -2.04
C LYS A 74 -17.91 -41.91 -0.57
N TYR A 75 -19.11 -41.39 -0.31
CA TYR A 75 -19.59 -41.17 1.05
C TYR A 75 -20.55 -42.30 1.43
N ASN A 76 -20.41 -42.78 2.67
CA ASN A 76 -21.20 -43.91 3.22
C ASN A 76 -21.31 -43.77 4.74
N ALA A 77 -21.89 -44.77 5.40
CA ALA A 77 -22.13 -44.72 6.84
C ALA A 77 -20.88 -44.41 7.67
N HIS A 78 -19.73 -44.90 7.23
CA HIS A 78 -18.50 -44.75 7.98
C HIS A 78 -17.63 -43.59 7.51
N HIS A 79 -18.10 -42.91 6.46
CA HIS A 79 -17.38 -41.78 5.88
C HIS A 79 -18.37 -40.76 5.31
N LYS A 80 -18.84 -39.86 6.17
CA LYS A 80 -19.85 -38.87 5.77
C LYS A 80 -19.21 -37.57 5.29
N LEU A 81 -19.95 -36.82 4.47
CA LEU A 81 -19.56 -35.46 4.10
C LEU A 81 -20.09 -34.48 5.15
N LYS A 82 -19.17 -33.77 5.80
CA LYS A 82 -19.53 -32.78 6.82
C LYS A 82 -19.58 -31.42 6.15
N VAL A 83 -20.74 -30.76 6.21
CA VAL A 83 -20.97 -29.47 5.50
C VAL A 83 -21.20 -28.34 6.50
N PHE A 84 -20.37 -27.28 6.40
CA PHE A 84 -20.50 -26.09 7.24
C PHE A 84 -21.02 -24.93 6.38
N VAL A 85 -22.27 -24.51 6.66
CA VAL A 85 -22.89 -23.35 6.02
C VAL A 85 -22.58 -22.13 6.89
N VAL A 86 -21.83 -21.17 6.32
CA VAL A 86 -21.27 -20.05 7.11
C VAL A 86 -21.91 -18.72 6.70
N PRO A 87 -22.89 -18.23 7.50
CA PRO A 87 -23.56 -16.96 7.15
C PRO A 87 -22.62 -15.76 7.30
N HIS A 88 -22.71 -14.83 6.35
CA HIS A 88 -21.80 -13.66 6.31
C HIS A 88 -22.47 -12.46 5.64
N SER A 89 -21.89 -11.28 5.85
CA SER A 89 -22.41 -10.03 5.31
C SER A 89 -21.21 -9.14 4.93
N HIS A 90 -21.02 -8.88 3.64
CA HIS A 90 -19.85 -8.12 3.19
C HIS A 90 -20.17 -6.60 3.30
N ASN A 91 -19.47 -5.91 4.22
CA ASN A 91 -19.76 -4.50 4.54
C ASN A 91 -18.60 -3.57 4.19
N ASP A 92 -18.69 -2.89 3.05
CA ASP A 92 -17.62 -1.99 2.59
C ASP A 92 -17.57 -0.68 3.37
N PRO A 93 -16.41 -0.35 3.98
CA PRO A 93 -16.23 0.96 4.67
C PRO A 93 -16.04 2.11 3.66
N GLY A 94 -17.12 2.34 2.90
CA GLY A 94 -17.13 3.29 1.79
C GLY A 94 -17.03 2.58 0.44
N TRP A 95 -17.85 3.01 -0.52
CA TRP A 95 -17.80 2.57 -1.92
C TRP A 95 -18.77 3.44 -2.74
N ILE A 96 -20.05 3.07 -2.79
CA ILE A 96 -21.13 3.88 -3.40
C ILE A 96 -21.71 4.92 -2.43
N GLN A 97 -21.56 4.68 -1.14
CA GLN A 97 -21.88 5.62 -0.07
C GLN A 97 -20.63 5.78 0.82
N THR A 98 -20.59 6.83 1.64
CA THR A 98 -19.50 6.96 2.60
C THR A 98 -19.64 5.95 3.74
N PHE A 99 -18.56 5.78 4.52
CA PHE A 99 -18.60 5.00 5.74
C PHE A 99 -19.80 5.36 6.62
N GLU A 100 -19.97 6.64 6.92
CA GLU A 100 -21.05 7.02 7.84
C GLU A 100 -22.44 6.81 7.22
N GLU A 101 -22.59 7.06 5.92
CA GLU A 101 -23.87 6.81 5.24
C GLU A 101 -24.24 5.34 5.28
N TYR A 102 -23.31 4.45 4.93
CA TYR A 102 -23.59 3.01 5.04
C TYR A 102 -23.89 2.61 6.50
N TYR A 103 -23.15 3.17 7.45
CA TYR A 103 -23.37 2.79 8.85
C TYR A 103 -24.84 3.12 9.25
N GLN A 104 -25.29 4.32 8.90
CA GLN A 104 -26.64 4.77 9.27
C GLN A 104 -27.73 4.02 8.54
N HIS A 105 -27.52 3.75 7.25
CA HIS A 105 -28.58 3.16 6.40
C HIS A 105 -28.63 1.63 6.48
N ASP A 106 -27.48 0.99 6.70
CA ASP A 106 -27.37 -0.47 6.58
C ASP A 106 -26.71 -1.16 7.78
N THR A 107 -25.44 -0.83 8.03
CA THR A 107 -24.62 -1.64 8.97
C THR A 107 -25.14 -1.63 10.40
N LYS A 108 -25.63 -0.48 10.88
CA LYS A 108 -26.12 -0.48 12.26
C LYS A 108 -27.31 -1.41 12.44
N HIS A 109 -28.13 -1.53 11.40
CA HIS A 109 -29.29 -2.43 11.41
C HIS A 109 -28.88 -3.89 11.30
N ILE A 110 -27.89 -4.19 10.45
CA ILE A 110 -27.35 -5.54 10.35
C ILE A 110 -26.80 -6.03 11.72
N LEU A 111 -26.00 -5.19 12.39
CA LEU A 111 -25.40 -5.60 13.66
C LEU A 111 -26.44 -5.68 14.78
N SER A 112 -27.40 -4.75 14.79
CA SER A 112 -28.47 -4.81 15.81
C SER A 112 -29.33 -6.08 15.63
N ASN A 113 -29.66 -6.41 14.38
CA ASN A 113 -30.46 -7.62 14.15
C ASN A 113 -29.68 -8.90 14.29
N ALA A 114 -28.37 -8.86 14.01
CA ALA A 114 -27.51 -10.03 14.31
C ALA A 114 -27.50 -10.32 15.81
N LEU A 115 -27.36 -9.27 16.62
CA LEU A 115 -27.35 -9.46 18.06
C LEU A 115 -28.67 -10.13 18.55
N ARG A 116 -29.80 -9.60 18.09
CA ARG A 116 -31.10 -10.15 18.50
C ARG A 116 -31.30 -11.59 18.00
N HIS A 117 -31.04 -11.81 16.72
CA HIS A 117 -31.32 -13.14 16.16
CA HIS A 117 -31.31 -13.12 16.13
C HIS A 117 -30.40 -14.23 16.66
N LEU A 118 -29.11 -13.93 16.84
CA LEU A 118 -28.18 -14.91 17.40
C LEU A 118 -28.51 -15.18 18.88
N HIS A 119 -28.80 -14.12 19.65
CA HIS A 119 -29.25 -14.30 21.03
C HIS A 119 -30.42 -15.30 21.09
N ASP A 120 -31.42 -15.10 20.23
CA ASP A 120 -32.67 -15.89 20.30
C ASP A 120 -32.61 -17.28 19.64
N ASN A 121 -31.58 -17.54 18.84
CA ASN A 121 -31.47 -18.79 18.08
C ASN A 121 -30.09 -19.40 18.27
N PRO A 122 -29.92 -20.17 19.35
CA PRO A 122 -28.57 -20.61 19.77
C PRO A 122 -27.72 -21.40 18.75
N GLU A 123 -28.35 -22.04 17.76
CA GLU A 123 -27.60 -22.81 16.76
C GLU A 123 -27.20 -21.98 15.53
N MET A 124 -27.76 -20.78 15.41
CA MET A 124 -27.40 -19.88 14.30
C MET A 124 -25.99 -19.30 14.52
N LYS A 125 -25.26 -19.05 13.42
CA LYS A 125 -23.88 -18.55 13.45
C LYS A 125 -23.72 -17.38 12.47
N PHE A 126 -22.64 -16.62 12.63
CA PHE A 126 -22.38 -15.43 11.76
C PHE A 126 -20.92 -15.07 11.89
N ILE A 127 -20.29 -14.70 10.78
CA ILE A 127 -18.91 -14.18 10.84
C ILE A 127 -18.86 -12.68 10.50
N TRP A 128 -17.88 -11.97 11.07
CA TRP A 128 -17.74 -10.53 10.88
C TRP A 128 -16.28 -10.18 10.61
N ALA A 129 -16.04 -9.36 9.57
CA ALA A 129 -14.66 -8.99 9.16
C ALA A 129 -14.21 -7.56 9.50
N GLU A 130 -15.08 -6.56 9.32
CA GLU A 130 -14.61 -5.15 9.28
C GLU A 130 -14.75 -4.49 10.67
N ILE A 131 -13.64 -4.35 11.38
CA ILE A 131 -13.71 -3.87 12.78
C ILE A 131 -14.00 -2.37 12.86
N SER A 132 -13.69 -1.60 11.81
CA SER A 132 -14.07 -0.18 11.79
C SER A 132 -15.57 0.00 12.08
N TYR A 133 -16.41 -0.79 11.40
CA TYR A 133 -17.87 -0.74 11.63
C TYR A 133 -18.24 -1.31 13.00
N PHE A 134 -17.61 -2.42 13.39
CA PHE A 134 -17.99 -3.08 14.65
C PHE A 134 -17.72 -2.15 15.85
N ALA A 135 -16.55 -1.50 15.84
CA ALA A 135 -16.19 -0.53 16.90
C ALA A 135 -17.18 0.66 16.91
N ARG A 136 -17.53 1.18 15.73
CA ARG A 136 -18.52 2.27 15.58
C ARG A 136 -19.85 1.88 16.23
N PHE A 137 -20.26 0.63 16.06
CA PHE A 137 -21.53 0.11 16.59
C PHE A 137 -21.47 -0.12 18.11
N TYR A 138 -20.45 -0.85 18.55
CA TYR A 138 -20.31 -1.30 19.95
C TYR A 138 -20.25 -0.12 20.91
N HIS A 139 -19.54 0.94 20.52
CA HIS A 139 -19.41 2.10 21.40
C HIS A 139 -20.74 2.86 21.56
N ASP A 140 -21.69 2.68 20.64
CA ASP A 140 -23.01 3.30 20.78
C ASP A 140 -24.05 2.44 21.51
N LEU A 141 -23.68 1.20 21.82
CA LEU A 141 -24.59 0.30 22.56
C LEU A 141 -24.66 0.62 24.04
N GLY A 142 -25.86 0.45 24.62
CA GLY A 142 -26.00 0.45 26.06
C GLY A 142 -25.33 -0.76 26.71
N GLU A 143 -25.06 -0.66 28.00
CA GLU A 143 -24.31 -1.69 28.73
C GLU A 143 -24.98 -3.07 28.67
N ASN A 144 -26.32 -3.12 28.78
CA ASN A 144 -27.02 -4.41 28.71
C ASN A 144 -26.71 -5.13 27.38
N LYS A 145 -26.81 -4.38 26.28
CA LYS A 145 -26.54 -4.95 24.96
C LYS A 145 -25.06 -5.27 24.72
N LYS A 146 -24.14 -4.44 25.26
CA LYS A 146 -22.70 -4.79 25.22
C LYS A 146 -22.46 -6.15 25.85
N LEU A 147 -23.07 -6.40 27.01
CA LEU A 147 -22.96 -7.69 27.69
C LEU A 147 -23.53 -8.83 26.85
N GLN A 148 -24.69 -8.61 26.22
CA GLN A 148 -25.28 -9.64 25.35
C GLN A 148 -24.34 -9.94 24.17
N MET A 149 -23.73 -8.90 23.62
CA MET A 149 -22.79 -9.05 22.50
C MET A 149 -21.55 -9.85 22.90
N LYS A 150 -20.97 -9.53 24.06
CA LYS A 150 -19.82 -10.28 24.55
C LYS A 150 -20.17 -11.77 24.73
N SER A 151 -21.41 -12.05 25.13
CA SER A 151 -21.82 -13.43 25.39
C SER A 151 -21.93 -14.27 24.10
N ILE A 152 -22.47 -13.70 23.03
CA ILE A 152 -22.56 -14.43 21.76
C ILE A 152 -21.20 -14.59 21.05
N VAL A 153 -20.22 -13.74 21.39
CA VAL A 153 -18.84 -13.94 20.94
C VAL A 153 -18.14 -15.01 21.78
N LYS A 154 -18.28 -14.92 23.10
CA LYS A 154 -17.64 -15.89 23.99
C LYS A 154 -18.12 -17.33 23.73
N ASN A 155 -19.41 -17.49 23.41
CA ASN A 155 -20.01 -18.81 23.14
C ASN A 155 -19.84 -19.30 21.70
N GLY A 156 -19.19 -18.50 20.85
CA GLY A 156 -18.84 -18.94 19.50
C GLY A 156 -19.89 -18.78 18.42
N GLN A 157 -21.01 -18.11 18.69
CA GLN A 157 -22.02 -17.88 17.66
C GLN A 157 -21.62 -16.78 16.66
N LEU A 158 -21.08 -15.67 17.18
CA LEU A 158 -20.53 -14.59 16.34
C LEU A 158 -19.02 -14.71 16.40
N GLU A 159 -18.39 -14.86 15.22
CA GLU A 159 -16.94 -15.06 15.14
C GLU A 159 -16.31 -14.00 14.25
N PHE A 160 -15.27 -13.35 14.76
CA PHE A 160 -14.50 -12.39 13.96
C PHE A 160 -13.50 -13.12 13.08
N VAL A 161 -13.44 -12.70 11.82
CA VAL A 161 -12.53 -13.26 10.84
C VAL A 161 -11.58 -12.14 10.40
N THR A 162 -10.27 -12.45 10.40
CA THR A 162 -9.16 -11.48 10.21
C THR A 162 -9.06 -10.49 11.38
N GLY A 163 -10.11 -9.67 11.56
CA GLY A 163 -10.13 -8.69 12.64
C GLY A 163 -9.35 -7.42 12.35
N GLY A 164 -9.08 -7.15 11.06
CA GLY A 164 -8.51 -5.83 10.70
C GLY A 164 -9.55 -4.72 10.72
N TRP A 165 -9.07 -3.47 10.73
CA TRP A 165 -9.96 -2.32 10.63
C TRP A 165 -10.82 -2.44 9.35
N VAL A 166 -10.21 -2.96 8.28
CA VAL A 166 -10.84 -3.14 6.97
C VAL A 166 -10.43 -4.50 6.36
N MET A 167 -10.95 -4.80 5.17
CA MET A 167 -10.47 -5.89 4.31
C MET A 167 -9.65 -5.19 3.21
N PRO A 168 -8.32 -5.11 3.37
CA PRO A 168 -7.57 -4.19 2.53
C PRO A 168 -7.35 -4.64 1.10
N ASP A 169 -7.15 -3.65 0.21
CA ASP A 169 -6.49 -3.89 -1.07
C ASP A 169 -5.16 -4.60 -0.83
N GLU A 170 -4.78 -5.48 -1.76
CA GLU A 170 -3.51 -6.20 -1.65
C GLU A 170 -2.49 -5.77 -2.73
N ALA A 171 -2.91 -4.93 -3.69
CA ALA A 171 -2.04 -4.52 -4.80
C ALA A 171 -1.26 -3.23 -4.53
N ASN A 172 -1.98 -2.18 -4.07
CA ASN A 172 -1.40 -0.84 -3.94
C ASN A 172 -0.89 -0.55 -2.52
N SER A 173 -1.40 -1.31 -1.55
CA SER A 173 -1.13 -1.05 -0.13
C SER A 173 0.34 -1.34 0.22
N HIS A 174 0.93 -0.49 1.06
CA HIS A 174 2.25 -0.77 1.59
C HIS A 174 2.13 -1.75 2.76
N TRP A 175 3.07 -2.70 2.87
CA TRP A 175 3.00 -3.68 3.96
C TRP A 175 2.90 -2.99 5.34
N ARG A 176 3.56 -1.83 5.50
CA ARG A 176 3.51 -1.13 6.79
C ARG A 176 2.06 -0.74 7.15
N ASN A 177 1.28 -0.35 6.14
CA ASN A 177 -0.11 0.04 6.39
C ASN A 177 -1.07 -1.15 6.49
N VAL A 178 -0.75 -2.25 5.80
CA VAL A 178 -1.49 -3.49 6.03
C VAL A 178 -1.33 -3.91 7.50
N LEU A 179 -0.10 -3.85 8.02
CA LEU A 179 0.12 -4.18 9.42
C LEU A 179 -0.58 -3.15 10.35
N LEU A 180 -0.52 -1.86 10.00
CA LEU A 180 -1.16 -0.83 10.83
C LEU A 180 -2.65 -1.13 11.00
N GLN A 181 -3.35 -1.40 9.90
CA GLN A 181 -4.82 -1.58 9.99
C GLN A 181 -5.17 -2.91 10.69
N LEU A 182 -4.35 -3.95 10.47
CA LEU A 182 -4.54 -5.21 11.19
C LEU A 182 -4.42 -5.00 12.71
N THR A 183 -3.39 -4.24 13.08
CA THR A 183 -3.13 -3.98 14.51
C THR A 183 -4.26 -3.13 15.11
N GLU A 184 -4.76 -2.16 14.36
CA GLU A 184 -5.83 -1.28 14.87
C GLU A 184 -7.08 -2.12 15.21
N GLY A 185 -7.49 -2.99 14.28
CA GLY A 185 -8.65 -3.84 14.54
C GLY A 185 -8.42 -4.86 15.64
N GLN A 186 -7.26 -5.53 15.61
CA GLN A 186 -7.05 -6.60 16.58
C GLN A 186 -6.83 -6.05 18.01
N THR A 187 -6.20 -4.88 18.14
CA THR A 187 -6.03 -4.25 19.46
C THR A 187 -7.40 -3.93 20.06
N TRP A 188 -8.31 -3.39 19.23
CA TRP A 188 -9.69 -3.14 19.66
C TRP A 188 -10.38 -4.43 20.11
N LEU A 189 -10.26 -5.49 19.31
CA LEU A 189 -10.91 -6.78 19.65
C LEU A 189 -10.36 -7.37 20.95
N LYS A 190 -9.05 -7.28 21.18
CA LYS A 190 -8.49 -7.84 22.40
C LYS A 190 -9.04 -7.08 23.62
N GLN A 191 -9.04 -5.75 23.53
CA GLN A 191 -9.49 -4.91 24.66
C GLN A 191 -10.97 -5.11 24.99
N PHE A 192 -11.83 -5.11 23.98
CA PHE A 192 -13.29 -5.09 24.21
C PHE A 192 -14.00 -6.42 24.11
N MET A 193 -13.49 -7.33 23.28
CA MET A 193 -14.12 -8.63 23.04
C MET A 193 -13.31 -9.80 23.59
N ASN A 194 -12.07 -9.56 24.03
CA ASN A 194 -11.18 -10.61 24.55
C ASN A 194 -10.94 -11.77 23.57
N VAL A 195 -10.79 -11.45 22.28
CA VAL A 195 -10.51 -12.47 21.26
C VAL A 195 -9.48 -11.94 20.26
N THR A 196 -8.71 -12.86 19.67
CA THR A 196 -7.73 -12.56 18.61
C THR A 196 -7.91 -13.61 17.51
N PRO A 197 -8.50 -13.21 16.36
CA PRO A 197 -8.71 -14.17 15.27
C PRO A 197 -7.41 -14.81 14.78
N THR A 198 -7.51 -16.09 14.41
CA THR A 198 -6.38 -16.81 13.80
C THR A 198 -6.71 -17.31 12.39
N ALA A 199 -7.91 -16.99 11.89
CA ALA A 199 -8.32 -17.30 10.50
C ALA A 199 -8.65 -16.00 9.79
N SER A 200 -8.17 -15.84 8.56
CA SER A 200 -8.40 -14.64 7.75
C SER A 200 -9.40 -14.92 6.61
N TRP A 201 -10.19 -13.90 6.26
CA TRP A 201 -11.25 -13.94 5.23
C TRP A 201 -11.08 -12.74 4.30
N ALA A 202 -10.70 -12.99 3.04
CA ALA A 202 -10.48 -11.93 2.03
C ALA A 202 -11.21 -12.29 0.73
N ILE A 203 -12.49 -11.94 0.68
CA ILE A 203 -13.38 -12.38 -0.41
C ILE A 203 -13.50 -11.39 -1.58
N ASP A 204 -13.11 -10.11 -1.37
CA ASP A 204 -13.29 -9.08 -2.42
C ASP A 204 -12.05 -8.35 -3.00
N PRO A 205 -10.85 -8.35 -2.35
CA PRO A 205 -9.72 -7.63 -3.01
C PRO A 205 -9.43 -8.16 -4.42
N PHE A 206 -8.92 -7.29 -5.30
CA PHE A 206 -8.94 -7.64 -6.75
C PHE A 206 -7.60 -8.30 -7.15
N GLY A 207 -7.46 -9.58 -6.76
CA GLY A 207 -6.17 -10.27 -6.79
C GLY A 207 -5.54 -10.28 -5.40
N HIS A 208 -4.58 -11.19 -5.21
CA HIS A 208 -4.04 -11.50 -3.87
C HIS A 208 -2.50 -11.56 -3.84
N SER A 209 -1.93 -11.04 -2.74
CA SER A 209 -0.49 -10.91 -2.55
C SER A 209 0.03 -11.83 -1.45
N PRO A 210 1.24 -12.44 -1.64
CA PRO A 210 1.86 -13.23 -0.55
C PRO A 210 2.31 -12.37 0.64
N THR A 211 2.25 -11.03 0.52
CA THR A 211 2.51 -10.20 1.70
C THR A 211 1.50 -10.50 2.81
N MET A 212 0.28 -10.89 2.44
N MET A 212 0.28 -10.90 2.44
CA MET A 212 -0.73 -11.21 3.45
CA MET A 212 -0.71 -11.21 3.45
C MET A 212 -0.35 -12.41 4.34
C MET A 212 -0.34 -12.41 4.34
N PRO A 213 -0.11 -13.60 3.75
CA PRO A 213 0.35 -14.69 4.67
C PRO A 213 1.66 -14.37 5.42
N TYR A 214 2.56 -13.58 4.79
CA TYR A 214 3.79 -13.16 5.50
C TYR A 214 3.46 -12.46 6.83
N ILE A 215 2.60 -11.43 6.76
CA ILE A 215 2.23 -10.66 7.95
C ILE A 215 1.36 -11.51 8.89
N LEU A 216 0.37 -12.21 8.34
CA LEU A 216 -0.55 -13.01 9.16
C LEU A 216 0.17 -14.10 9.96
N GLN A 217 1.06 -14.83 9.29
CA GLN A 217 1.80 -15.91 9.97
C GLN A 217 2.69 -15.39 11.12
N LYS A 218 3.18 -14.16 11.00
CA LYS A 218 3.98 -13.51 12.06
C LYS A 218 3.09 -12.78 13.10
N SER A 219 1.77 -12.89 12.94
CA SER A 219 0.77 -12.30 13.83
C SER A 219 -0.17 -13.36 14.43
N GLY A 220 0.29 -14.61 14.49
CA GLY A 220 -0.44 -15.68 15.19
C GLY A 220 -1.41 -16.49 14.35
N PHE A 221 -1.58 -16.14 13.06
CA PHE A 221 -2.60 -16.82 12.26
C PHE A 221 -2.19 -18.25 11.91
N LYS A 222 -3.23 -19.06 11.72
CA LYS A 222 -3.08 -20.46 11.31
C LYS A 222 -3.70 -20.78 9.95
N ASN A 223 -4.63 -19.92 9.47
CA ASN A 223 -5.39 -20.23 8.24
C ASN A 223 -5.82 -18.95 7.55
N MET A 224 -5.98 -19.00 6.23
CA MET A 224 -6.53 -17.88 5.48
C MET A 224 -7.33 -18.33 4.27
N LEU A 225 -8.26 -17.47 3.85
CA LEU A 225 -9.14 -17.74 2.71
C LEU A 225 -9.09 -16.58 1.72
N ILE A 226 -9.02 -16.92 0.43
CA ILE A 226 -9.01 -15.95 -0.68
C ILE A 226 -10.04 -16.34 -1.75
N GLN A 227 -10.42 -15.36 -2.59
CA GLN A 227 -11.44 -15.56 -3.65
C GLN A 227 -11.06 -15.08 -5.05
N ARG A 228 -10.55 -13.85 -5.19
CA ARG A 228 -10.43 -13.26 -6.52
C ARG A 228 -9.09 -13.57 -7.16
N THR A 229 -9.07 -14.74 -7.80
CA THR A 229 -7.94 -15.20 -8.60
C THR A 229 -8.44 -15.46 -10.03
N HIS A 230 -7.53 -15.35 -10.99
CA HIS A 230 -7.86 -15.50 -12.41
C HIS A 230 -8.67 -16.79 -12.65
N TYR A 231 -9.75 -16.68 -13.44
CA TYR A 231 -10.56 -17.84 -13.70
C TYR A 231 -9.77 -19.05 -14.26
N SER A 232 -8.71 -18.79 -15.01
CA SER A 232 -7.91 -19.92 -15.56
C SER A 232 -7.13 -20.62 -14.46
N VAL A 233 -6.67 -19.86 -13.47
CA VAL A 233 -5.98 -20.41 -12.32
C VAL A 233 -6.94 -21.29 -11.48
N LYS A 234 -8.15 -20.80 -11.22
CA LYS A 234 -9.15 -21.62 -10.50
C LYS A 234 -9.35 -22.97 -11.22
N LYS A 235 -9.50 -22.93 -12.54
CA LYS A 235 -9.72 -24.18 -13.31
C LYS A 235 -8.54 -25.14 -13.17
N GLU A 236 -7.32 -24.62 -13.35
CA GLU A 236 -6.11 -25.44 -13.30
C GLU A 236 -5.91 -26.07 -11.91
N LEU A 237 -6.02 -25.25 -10.87
CA LEU A 237 -5.84 -25.78 -9.52
C LEU A 237 -6.97 -26.73 -9.13
N ALA A 238 -8.20 -26.42 -9.54
CA ALA A 238 -9.32 -27.33 -9.23
C ALA A 238 -9.12 -28.73 -9.83
N GLN A 239 -8.62 -28.79 -11.07
CA GLN A 239 -8.39 -30.08 -11.73
C GLN A 239 -7.40 -30.96 -10.96
N GLN A 240 -6.47 -30.33 -10.24
CA GLN A 240 -5.44 -31.04 -9.50
C GLN A 240 -5.73 -31.13 -7.99
N ARG A 241 -6.92 -30.65 -7.58
CA ARG A 241 -7.26 -30.49 -6.16
C ARG A 241 -6.15 -29.76 -5.39
N GLN A 242 -5.72 -28.62 -5.96
CA GLN A 242 -4.68 -27.77 -5.36
C GLN A 242 -5.25 -26.42 -4.93
N LEU A 243 -6.55 -26.37 -4.62
CA LEU A 243 -7.17 -25.14 -4.16
C LEU A 243 -6.93 -24.86 -2.67
N GLU A 244 -6.51 -25.88 -1.92
CA GLU A 244 -5.99 -25.70 -0.55
C GLU A 244 -4.50 -26.04 -0.59
N PHE A 245 -3.68 -25.12 -0.04
CA PHE A 245 -2.23 -25.24 -0.16
C PHE A 245 -1.52 -24.54 0.99
N LEU A 246 -0.26 -24.92 1.22
CA LEU A 246 0.59 -24.25 2.19
C LEU A 246 1.37 -23.16 1.47
N TRP A 247 0.94 -21.91 1.67
CA TRP A 247 1.47 -20.77 0.90
C TRP A 247 2.71 -20.22 1.61
N ARG A 248 3.89 -20.44 1.00
CA ARG A 248 5.16 -19.93 1.55
C ARG A 248 5.71 -18.80 0.68
N GLN A 249 6.63 -18.02 1.26
CA GLN A 249 7.28 -16.94 0.49
C GLN A 249 8.18 -17.48 -0.64
N ILE A 250 8.36 -16.68 -1.69
CA ILE A 250 9.07 -17.14 -2.88
C ILE A 250 10.54 -17.52 -2.61
N TRP A 251 11.15 -16.94 -1.58
CA TRP A 251 12.58 -17.20 -1.25
C TRP A 251 12.75 -18.23 -0.14
N ASP A 252 11.66 -18.75 0.42
CA ASP A 252 11.71 -19.58 1.62
C ASP A 252 11.98 -21.06 1.33
N ASN A 253 13.24 -21.47 1.50
CA ASN A 253 13.63 -22.83 1.21
C ASN A 253 13.08 -23.87 2.20
N LYS A 254 13.04 -23.49 3.48
CA LYS A 254 12.67 -24.42 4.56
C LYS A 254 11.17 -24.57 4.72
N GLY A 255 10.44 -23.48 4.51
CA GLY A 255 8.98 -23.46 4.68
C GLY A 255 8.46 -22.89 6.00
N ASP A 256 9.31 -22.24 6.81
CA ASP A 256 8.85 -21.68 8.09
C ASP A 256 7.83 -20.53 7.93
N THR A 257 7.75 -19.93 6.75
CA THR A 257 6.75 -18.87 6.49
C THR A 257 5.37 -19.40 6.07
N ALA A 258 5.24 -20.72 5.87
CA ALA A 258 4.00 -21.28 5.28
C ALA A 258 2.74 -21.01 6.09
N LEU A 259 1.65 -20.71 5.37
CA LEU A 259 0.34 -20.53 5.99
C LEU A 259 -0.70 -21.30 5.16
N PHE A 260 -1.49 -22.15 5.83
CA PHE A 260 -2.57 -22.88 5.14
C PHE A 260 -3.57 -21.91 4.50
N THR A 261 -3.85 -22.09 3.21
CA THR A 261 -4.70 -21.19 2.44
C THR A 261 -5.78 -21.98 1.69
N HIS A 262 -7.02 -21.47 1.79
CA HIS A 262 -8.15 -22.01 1.01
C HIS A 262 -8.54 -20.98 -0.08
N MET A 263 -8.42 -21.38 -1.35
CA MET A 263 -8.93 -20.59 -2.47
C MET A 263 -10.33 -21.09 -2.85
N MET A 264 -11.33 -20.19 -2.86
CA MET A 264 -12.67 -20.55 -3.30
C MET A 264 -12.66 -20.79 -4.82
N PRO A 265 -13.54 -21.70 -5.33
CA PRO A 265 -13.36 -22.17 -6.71
C PRO A 265 -14.10 -21.44 -7.83
N PHE A 266 -15.11 -20.62 -7.48
CA PHE A 266 -16.08 -20.13 -8.46
C PHE A 266 -15.96 -18.61 -8.67
N TYR A 267 -16.87 -18.06 -9.47
CA TYR A 267 -16.73 -16.70 -10.02
C TYR A 267 -16.93 -15.59 -8.99
N SER A 268 -17.72 -15.83 -7.94
CA SER A 268 -17.98 -14.81 -6.93
C SER A 268 -18.19 -15.42 -5.55
N TYR A 269 -18.33 -14.55 -4.53
CA TYR A 269 -18.65 -14.98 -3.16
C TYR A 269 -20.16 -14.96 -2.85
N ASP A 270 -20.99 -14.59 -3.83
CA ASP A 270 -22.44 -14.53 -3.60
C ASP A 270 -23.06 -15.94 -3.55
N ILE A 271 -24.31 -16.04 -3.10
CA ILE A 271 -24.93 -17.36 -2.90
C ILE A 271 -24.98 -18.20 -4.21
N PRO A 272 -25.35 -17.58 -5.36
CA PRO A 272 -25.31 -18.35 -6.62
C PRO A 272 -23.96 -18.99 -6.95
N HIS A 273 -22.84 -18.41 -6.49
CA HIS A 273 -21.51 -18.95 -6.81
C HIS A 273 -20.78 -19.56 -5.61
N THR A 274 -21.53 -19.98 -4.58
CA THR A 274 -20.91 -20.60 -3.40
C THR A 274 -21.51 -21.97 -2.98
N CYS A 275 -22.67 -22.37 -3.51
CA CYS A 275 -23.21 -23.69 -3.11
C CYS A 275 -22.65 -24.87 -3.92
N GLY A 276 -22.11 -24.58 -5.11
CA GLY A 276 -21.78 -25.58 -6.12
C GLY A 276 -21.60 -24.94 -7.48
N PRO A 277 -21.30 -25.76 -8.51
CA PRO A 277 -20.94 -25.25 -9.83
C PRO A 277 -22.05 -24.63 -10.70
N ASP A 278 -23.32 -24.88 -10.38
CA ASP A 278 -24.43 -24.39 -11.23
C ASP A 278 -25.17 -23.23 -10.57
N PRO A 279 -24.90 -21.98 -11.01
CA PRO A 279 -25.56 -20.84 -10.35
C PRO A 279 -27.09 -20.80 -10.52
N LYS A 280 -27.61 -21.42 -11.60
CA LYS A 280 -29.07 -21.49 -11.79
C LYS A 280 -29.72 -22.27 -10.65
N VAL A 281 -29.02 -23.29 -10.16
CA VAL A 281 -29.47 -24.08 -9.02
C VAL A 281 -29.21 -23.34 -7.68
N CYS A 282 -27.97 -22.88 -7.47
CA CYS A 282 -27.61 -22.26 -6.19
C CYS A 282 -28.47 -21.01 -5.90
N CYS A 283 -28.84 -20.25 -6.94
CA CYS A 283 -29.68 -19.07 -6.75
C CYS A 283 -31.01 -19.39 -6.07
N GLN A 284 -31.51 -20.62 -6.27
CA GLN A 284 -32.79 -21.04 -5.69
C GLN A 284 -32.67 -21.30 -4.19
N PHE A 285 -31.44 -21.23 -3.66
CA PHE A 285 -31.18 -21.42 -2.24
C PHE A 285 -30.72 -20.11 -1.56
N ASP A 286 -30.96 -18.99 -2.25
CA ASP A 286 -30.83 -17.66 -1.64
C ASP A 286 -32.24 -17.16 -1.36
N PHE A 287 -32.72 -17.38 -0.13
CA PHE A 287 -34.15 -17.18 0.16
C PHE A 287 -34.58 -15.72 0.24
N LYS A 288 -33.61 -14.80 0.06
CA LYS A 288 -33.94 -13.37 -0.10
C LYS A 288 -34.42 -13.00 -1.53
N ARG A 289 -34.43 -13.96 -2.47
CA ARG A 289 -34.73 -13.64 -3.88
C ARG A 289 -36.14 -14.05 -4.39
N MET A 290 -37.12 -14.16 -3.49
CA MET A 290 -38.49 -14.57 -3.91
C MET A 290 -39.41 -13.41 -4.38
N GLY A 291 -39.00 -12.15 -4.10
CA GLY A 291 -39.66 -10.97 -4.66
C GLY A 291 -39.89 -9.78 -3.73
N SER A 292 -40.30 -10.05 -2.49
CA SER A 292 -40.67 -8.99 -1.54
C SER A 292 -39.49 -8.10 -1.10
N PHE A 293 -38.27 -8.60 -1.29
CA PHE A 293 -37.04 -7.84 -0.98
C PHE A 293 -36.49 -7.11 -2.20
N GLY A 294 -37.20 -7.18 -3.31
CA GLY A 294 -36.71 -6.52 -4.53
C GLY A 294 -35.52 -7.18 -5.21
N LEU A 295 -35.33 -8.47 -4.94
CA LEU A 295 -34.25 -9.23 -5.58
C LEU A 295 -34.84 -10.40 -6.34
N SER A 296 -34.13 -10.86 -7.35
CA SER A 296 -34.57 -12.00 -8.18
C SER A 296 -33.36 -12.78 -8.67
N CYS A 297 -33.60 -13.91 -9.35
CA CYS A 297 -32.54 -14.76 -9.92
C CYS A 297 -32.40 -14.50 -11.44
N PRO A 298 -31.23 -14.01 -11.89
CA PRO A 298 -30.99 -13.75 -13.32
C PRO A 298 -31.17 -15.00 -14.20
N TRP A 299 -31.02 -16.19 -13.61
CA TRP A 299 -31.12 -17.46 -14.36
C TRP A 299 -32.57 -17.88 -14.54
N LYS A 300 -33.48 -17.08 -14.00
CA LYS A 300 -34.93 -17.15 -14.29
C LYS A 300 -35.69 -18.28 -13.57
N VAL A 301 -35.05 -18.92 -12.60
CA VAL A 301 -35.74 -19.87 -11.71
C VAL A 301 -35.65 -19.34 -10.26
N PRO A 302 -36.80 -19.03 -9.63
CA PRO A 302 -36.77 -18.43 -8.29
C PRO A 302 -36.58 -19.44 -7.15
N PRO A 303 -36.19 -18.97 -5.96
CA PRO A 303 -36.26 -19.86 -4.80
C PRO A 303 -37.73 -20.17 -4.49
N ARG A 304 -37.98 -21.33 -3.88
CA ARG A 304 -39.32 -21.64 -3.35
C ARG A 304 -39.18 -22.02 -1.88
N THR A 305 -40.12 -21.57 -1.07
CA THR A 305 -40.16 -21.89 0.36
C THR A 305 -40.12 -23.40 0.54
N ILE A 306 -39.28 -23.86 1.46
CA ILE A 306 -39.16 -25.29 1.77
C ILE A 306 -40.38 -25.73 2.57
N SER A 307 -40.98 -26.85 2.13
CA SER A 307 -42.16 -27.45 2.78
C SER A 307 -41.93 -28.96 2.90
N ASP A 308 -42.78 -29.64 3.66
CA ASP A 308 -42.70 -31.11 3.71
C ASP A 308 -42.92 -31.77 2.34
N GLN A 309 -43.64 -31.13 1.43
CA GLN A 309 -43.95 -31.69 0.09
C GLN A 309 -42.86 -31.48 -0.95
N ASN A 310 -41.97 -30.51 -0.73
CA ASN A 310 -40.89 -30.29 -1.69
C ASN A 310 -39.47 -30.55 -1.11
N VAL A 311 -39.36 -30.83 0.18
CA VAL A 311 -38.01 -30.84 0.82
C VAL A 311 -37.14 -31.95 0.25
N ALA A 312 -37.73 -33.09 -0.11
CA ALA A 312 -36.93 -34.20 -0.66
C ALA A 312 -36.33 -33.81 -2.02
N ALA A 313 -37.13 -33.24 -2.92
CA ALA A 313 -36.64 -32.80 -4.24
C ALA A 313 -35.63 -31.66 -4.09
N ARG A 314 -35.92 -30.70 -3.21
CA ARG A 314 -35.01 -29.55 -2.98
C ARG A 314 -33.68 -30.04 -2.41
N SER A 315 -33.73 -30.96 -1.44
CA SER A 315 -32.51 -31.55 -0.87
C SER A 315 -31.71 -32.34 -1.91
N ASP A 316 -32.41 -33.08 -2.77
N ASP A 316 -32.41 -33.08 -2.77
CA ASP A 316 -31.74 -33.80 -3.86
C ASP A 316 -30.88 -32.86 -4.70
C ASP A 316 -30.88 -32.86 -4.70
N LEU A 317 -31.46 -31.72 -5.08
CA LEU A 317 -30.75 -30.72 -5.89
C LEU A 317 -29.57 -30.09 -5.15
N LEU A 318 -29.79 -29.77 -3.87
CA LEU A 318 -28.76 -29.05 -3.10
C LEU A 318 -27.58 -29.97 -2.77
N VAL A 319 -27.86 -31.18 -2.29
CA VAL A 319 -26.79 -32.13 -1.94
C VAL A 319 -25.94 -32.48 -3.17
N ASP A 320 -26.58 -32.62 -4.34
CA ASP A 320 -25.86 -32.84 -5.61
C ASP A 320 -24.87 -31.69 -5.90
N GLN A 321 -25.30 -30.44 -5.70
CA GLN A 321 -24.37 -29.30 -5.82
C GLN A 321 -23.20 -29.40 -4.82
N TRP A 322 -23.51 -29.69 -3.56
CA TRP A 322 -22.48 -29.82 -2.53
C TRP A 322 -21.47 -30.92 -2.87
N LYS A 323 -21.95 -32.08 -3.33
CA LYS A 323 -21.04 -33.20 -3.64
C LYS A 323 -20.17 -32.89 -4.85
N LYS A 324 -20.69 -32.13 -5.80
CA LYS A 324 -19.84 -31.64 -6.90
C LYS A 324 -18.75 -30.69 -6.40
N LYS A 325 -19.12 -29.70 -5.59
CA LYS A 325 -18.10 -28.80 -5.01
C LYS A 325 -17.05 -29.62 -4.24
N ALA A 326 -17.49 -30.62 -3.48
CA ALA A 326 -16.57 -31.41 -2.65
C ALA A 326 -15.54 -32.19 -3.47
N GLU A 327 -15.87 -32.49 -4.72
CA GLU A 327 -14.92 -33.17 -5.61
C GLU A 327 -13.66 -32.36 -5.89
N LEU A 328 -13.74 -31.04 -5.70
CA LEU A 328 -12.61 -30.15 -5.98
C LEU A 328 -11.58 -30.06 -4.84
N TYR A 329 -11.87 -30.70 -3.70
CA TYR A 329 -11.06 -30.60 -2.47
C TYR A 329 -10.71 -31.96 -1.91
N ARG A 330 -9.77 -32.01 -0.97
CA ARG A 330 -9.17 -33.30 -0.56
C ARG A 330 -9.75 -33.93 0.71
N THR A 331 -10.50 -33.20 1.52
CA THR A 331 -11.05 -33.79 2.76
C THR A 331 -12.55 -34.03 2.65
N ASN A 332 -13.14 -34.61 3.69
CA ASN A 332 -14.60 -34.80 3.74
C ASN A 332 -15.30 -33.67 4.53
N VAL A 333 -14.68 -32.48 4.59
CA VAL A 333 -15.24 -31.31 5.27
C VAL A 333 -15.40 -30.23 4.21
N LEU A 334 -16.62 -29.70 4.05
CA LEU A 334 -16.93 -28.77 2.94
C LEU A 334 -17.38 -27.39 3.47
N LEU A 335 -16.79 -26.33 2.90
CA LEU A 335 -17.14 -24.93 3.26
C LEU A 335 -18.19 -24.38 2.29
N ILE A 336 -19.35 -23.93 2.82
CA ILE A 336 -20.40 -23.29 2.01
C ILE A 336 -20.71 -21.90 2.61
N PRO A 337 -20.04 -20.84 2.10
CA PRO A 337 -20.42 -19.48 2.53
C PRO A 337 -21.89 -19.17 2.18
N LEU A 338 -22.59 -18.41 3.03
CA LEU A 338 -23.98 -18.01 2.76
C LEU A 338 -24.12 -16.50 3.03
N GLY A 339 -23.93 -15.68 1.99
CA GLY A 339 -24.00 -14.22 2.18
C GLY A 339 -23.71 -13.46 0.92
N ASP A 340 -23.72 -12.12 1.06
CA ASP A 340 -23.54 -11.20 -0.05
C ASP A 340 -23.40 -9.79 0.57
N ASP A 341 -23.37 -8.77 -0.28
CA ASP A 341 -23.13 -7.38 0.17
C ASP A 341 -24.23 -6.90 1.11
N PHE A 342 -23.84 -6.40 2.28
CA PHE A 342 -24.78 -5.78 3.22
C PHE A 342 -26.02 -6.67 3.48
N ARG A 343 -25.79 -7.98 3.55
CA ARG A 343 -26.87 -8.93 3.87
C ARG A 343 -27.16 -9.02 5.36
N PHE A 344 -28.25 -9.72 5.68
CA PHE A 344 -28.71 -9.92 7.06
C PHE A 344 -29.08 -8.62 7.76
N LYS A 345 -29.80 -7.77 7.03
CA LYS A 345 -30.22 -6.44 7.48
C LYS A 345 -31.58 -6.38 8.17
N GLN A 346 -32.57 -7.01 7.56
CA GLN A 346 -33.93 -7.05 8.09
C GLN A 346 -34.22 -8.32 8.89
N ASN A 347 -35.04 -8.18 9.93
N ASN A 347 -35.03 -8.19 9.95
CA ASN A 347 -35.51 -9.31 10.70
CA ASN A 347 -35.44 -9.37 10.73
C ASN A 347 -36.10 -10.42 9.86
C ASN A 347 -36.13 -10.46 9.89
N THR A 348 -36.94 -10.04 8.91
CA THR A 348 -37.59 -10.99 8.00
C THR A 348 -36.57 -11.75 7.13
N GLU A 349 -35.43 -11.12 6.84
CA GLU A 349 -34.34 -11.79 6.10
C GLU A 349 -33.62 -12.85 6.93
N TRP A 350 -33.30 -12.53 8.19
CA TRP A 350 -32.77 -13.52 9.11
C TRP A 350 -33.71 -14.74 9.17
N ASP A 351 -35.00 -14.49 9.31
CA ASP A 351 -35.98 -15.59 9.40
C ASP A 351 -36.03 -16.42 8.13
N VAL A 352 -36.12 -15.77 6.97
CA VAL A 352 -36.33 -16.51 5.73
C VAL A 352 -35.11 -17.40 5.40
N GLN A 353 -33.88 -16.93 5.68
CA GLN A 353 -32.71 -17.77 5.44
C GLN A 353 -32.62 -18.88 6.50
N ARG A 354 -32.71 -18.52 7.78
CA ARG A 354 -32.58 -19.52 8.84
C ARG A 354 -33.63 -20.64 8.79
N VAL A 355 -34.91 -20.29 8.67
CA VAL A 355 -35.96 -21.32 8.77
C VAL A 355 -35.87 -22.30 7.59
N ASN A 356 -35.64 -21.76 6.39
CA ASN A 356 -35.52 -22.62 5.20
C ASN A 356 -34.32 -23.56 5.26
N TYR A 357 -33.15 -23.04 5.66
CA TYR A 357 -31.98 -23.91 5.87
C TYR A 357 -32.19 -24.92 6.99
N GLU A 358 -32.84 -24.52 8.09
CA GLU A 358 -33.12 -25.49 9.17
C GLU A 358 -33.99 -26.67 8.66
N ARG A 359 -34.97 -26.40 7.80
CA ARG A 359 -35.80 -27.48 7.25
C ARG A 359 -34.97 -28.41 6.35
N LEU A 360 -34.06 -27.84 5.56
CA LEU A 360 -33.18 -28.64 4.72
C LEU A 360 -32.25 -29.51 5.58
N PHE A 361 -31.62 -28.93 6.61
CA PHE A 361 -30.72 -29.72 7.48
C PHE A 361 -31.47 -30.88 8.16
N GLU A 362 -32.67 -30.62 8.65
CA GLU A 362 -33.42 -31.67 9.37
C GLU A 362 -33.69 -32.86 8.44
N HIS A 363 -34.09 -32.57 7.20
CA HIS A 363 -34.31 -33.64 6.21
C HIS A 363 -33.02 -34.36 5.81
N ILE A 364 -32.02 -33.60 5.37
CA ILE A 364 -30.77 -34.17 4.88
C ILE A 364 -30.11 -35.04 5.94
N ASN A 365 -30.03 -34.53 7.16
CA ASN A 365 -29.27 -35.22 8.22
C ASN A 365 -29.94 -36.51 8.71
N SER A 366 -31.25 -36.64 8.42
CA SER A 366 -32.04 -37.83 8.80
C SER A 366 -32.18 -38.84 7.67
N GLN A 367 -31.73 -38.50 6.46
CA GLN A 367 -31.80 -39.42 5.32
C GLN A 367 -30.43 -40.06 5.11
N ALA A 368 -30.26 -41.27 5.63
CA ALA A 368 -28.97 -41.96 5.59
C ALA A 368 -28.36 -42.05 4.19
N HIS A 369 -29.20 -42.20 3.17
CA HIS A 369 -28.75 -42.34 1.78
C HIS A 369 -27.87 -41.17 1.26
N PHE A 370 -28.05 -39.96 1.81
CA PHE A 370 -27.18 -38.82 1.46
C PHE A 370 -25.78 -38.92 2.06
N ASN A 371 -25.67 -39.53 3.24
CA ASN A 371 -24.41 -39.62 3.98
C ASN A 371 -23.77 -38.24 4.19
N VAL A 372 -24.61 -37.30 4.63
CA VAL A 372 -24.21 -35.91 4.87
C VAL A 372 -24.64 -35.50 6.27
N GLN A 373 -23.77 -34.74 6.96
CA GLN A 373 -24.15 -34.02 8.18
C GLN A 373 -23.90 -32.52 7.94
N ALA A 374 -24.97 -31.74 7.84
CA ALA A 374 -24.89 -30.31 7.52
C ALA A 374 -25.37 -29.44 8.68
N GLN A 375 -24.70 -28.30 8.86
CA GLN A 375 -25.05 -27.40 9.97
C GLN A 375 -24.53 -26.00 9.70
N PHE A 376 -25.09 -25.02 10.39
CA PHE A 376 -24.46 -23.68 10.40
C PHE A 376 -23.13 -23.77 11.12
N GLY A 377 -22.13 -23.06 10.61
CA GLY A 377 -20.82 -23.07 11.24
C GLY A 377 -20.11 -21.74 11.09
N THR A 378 -18.92 -21.65 11.70
CA THR A 378 -18.04 -20.50 11.49
C THR A 378 -16.80 -20.90 10.67
N LEU A 379 -16.02 -19.90 10.30
CA LEU A 379 -14.82 -20.15 9.51
C LEU A 379 -13.78 -20.98 10.29
N GLN A 380 -13.55 -20.63 11.55
CA GLN A 380 -12.60 -21.42 12.37
C GLN A 380 -13.06 -22.88 12.54
N GLU A 381 -14.37 -23.10 12.67
CA GLU A 381 -14.88 -24.46 12.81
C GLU A 381 -14.55 -25.27 11.55
N TYR A 382 -14.71 -24.66 10.36
CA TYR A 382 -14.32 -25.32 9.10
C TYR A 382 -12.83 -25.74 9.13
N PHE A 383 -11.95 -24.76 9.40
CA PHE A 383 -10.53 -25.06 9.35
C PHE A 383 -10.11 -26.11 10.41
N ASP A 384 -10.68 -26.01 11.61
CA ASP A 384 -10.37 -27.01 12.65
C ASP A 384 -10.70 -28.43 12.18
N ALA A 385 -11.86 -28.58 11.54
CA ALA A 385 -12.28 -29.90 11.05
C ALA A 385 -11.38 -30.38 9.89
N VAL A 386 -10.98 -29.48 8.99
CA VAL A 386 -10.05 -29.84 7.91
C VAL A 386 -8.74 -30.39 8.48
N HIS A 387 -8.18 -29.70 9.48
CA HIS A 387 -6.90 -30.15 10.06
C HIS A 387 -7.02 -31.43 10.89
N GLN A 388 -8.20 -31.65 11.51
CA GLN A 388 -8.49 -32.95 12.17
C GLN A 388 -8.42 -34.07 11.12
N ALA A 389 -8.99 -33.84 9.95
CA ALA A 389 -8.95 -34.82 8.85
C ALA A 389 -7.50 -35.07 8.38
N GLU A 390 -6.74 -34.00 8.19
CA GLU A 390 -5.32 -34.08 7.85
C GLU A 390 -4.50 -34.91 8.85
N ARG A 391 -4.68 -34.63 10.14
CA ARG A 391 -3.94 -35.37 11.18
C ARG A 391 -4.35 -36.85 11.26
N ALA A 392 -5.57 -37.16 10.84
CA ALA A 392 -6.05 -38.55 10.77
C ALA A 392 -5.49 -39.28 9.54
N GLY A 393 -4.70 -38.57 8.73
CA GLY A 393 -4.08 -39.17 7.54
C GLY A 393 -4.98 -39.22 6.33
N GLN A 394 -6.03 -38.40 6.36
CA GLN A 394 -7.04 -38.44 5.32
C GLN A 394 -6.62 -37.64 4.08
N ALA A 395 -5.69 -36.69 4.27
CA ALA A 395 -5.26 -35.80 3.19
C ALA A 395 -3.85 -35.23 3.45
N GLU A 396 -3.13 -34.94 2.37
CA GLU A 396 -1.90 -34.16 2.43
C GLU A 396 -2.08 -32.99 1.47
N PHE A 397 -1.47 -31.85 1.82
CA PHE A 397 -1.66 -30.63 1.03
C PHE A 397 -0.41 -30.21 0.28
N PRO A 398 -0.59 -29.68 -0.93
CA PRO A 398 0.55 -29.19 -1.72
C PRO A 398 1.14 -27.89 -1.18
N THR A 399 2.41 -27.64 -1.49
CA THR A 399 3.07 -26.37 -1.19
C THR A 399 3.00 -25.44 -2.41
N LEU A 400 2.94 -24.14 -2.15
CA LEU A 400 2.79 -23.14 -3.24
C LEU A 400 3.58 -21.88 -2.89
N SER A 401 4.23 -21.28 -3.90
CA SER A 401 4.72 -19.89 -3.79
C SER A 401 4.32 -19.10 -5.03
N GLY A 402 4.35 -17.77 -4.87
CA GLY A 402 4.00 -16.84 -5.95
C GLY A 402 2.88 -15.88 -5.51
N ASP A 403 2.34 -15.14 -6.47
CA ASP A 403 1.22 -14.22 -6.22
C ASP A 403 0.06 -14.54 -7.17
N PHE A 404 -1.02 -13.75 -7.02
CA PHE A 404 -2.25 -13.91 -7.82
C PHE A 404 -2.65 -12.58 -8.46
N PHE A 405 -1.66 -11.96 -9.13
CA PHE A 405 -1.89 -10.81 -10.02
C PHE A 405 -1.42 -11.21 -11.44
N THR A 406 -1.99 -10.62 -12.51
CA THR A 406 -3.15 -9.72 -12.50
C THR A 406 -4.46 -10.48 -12.67
N TYR A 407 -5.42 -10.17 -11.80
CA TYR A 407 -6.74 -10.82 -11.83
C TYR A 407 -7.53 -10.50 -13.11
N ALA A 408 -8.18 -11.52 -13.66
CA ALA A 408 -9.30 -11.36 -14.61
C ALA A 408 -10.48 -12.20 -14.14
N ASP A 409 -11.67 -11.62 -14.10
CA ASP A 409 -12.88 -12.37 -13.69
C ASP A 409 -13.56 -13.09 -14.87
N ARG A 410 -13.32 -12.60 -16.09
CA ARG A 410 -13.92 -13.18 -17.30
C ARG A 410 -13.22 -12.64 -18.55
N SER A 411 -13.26 -13.45 -19.62
CA SER A 411 -12.73 -13.10 -20.94
CA SER A 411 -12.78 -13.00 -20.93
C SER A 411 -11.38 -12.36 -20.86
N ASP A 412 -11.26 -11.18 -21.47
CA ASP A 412 -10.01 -10.39 -21.45
C ASP A 412 -10.10 -9.20 -20.45
N ASN A 413 -11.04 -9.29 -19.50
CA ASN A 413 -11.29 -8.20 -18.54
C ASN A 413 -10.30 -8.32 -17.35
N TYR A 414 -9.09 -7.80 -17.55
CA TYR A 414 -7.99 -7.78 -16.55
C TYR A 414 -8.09 -6.50 -15.74
N TRP A 415 -8.01 -6.66 -14.41
CA TRP A 415 -8.24 -5.56 -13.50
C TRP A 415 -6.91 -4.83 -13.19
N SER A 416 -6.26 -4.30 -14.24
CA SER A 416 -5.02 -3.54 -14.04
C SER A 416 -5.24 -2.01 -14.00
N GLY A 417 -6.48 -1.56 -14.29
CA GLY A 417 -6.75 -0.12 -14.25
C GLY A 417 -6.62 0.47 -12.84
N TYR A 418 -7.07 -0.28 -11.83
CA TYR A 418 -7.09 0.25 -10.45
C TYR A 418 -5.67 0.36 -9.84
N TYR A 419 -4.66 -0.16 -10.55
CA TYR A 419 -3.29 0.09 -10.12
C TYR A 419 -2.92 1.61 -10.24
N THR A 420 -3.72 2.38 -10.98
CA THR A 420 -3.46 3.79 -11.26
C THR A 420 -4.64 4.73 -10.87
N SER A 421 -5.89 4.24 -10.90
CA SER A 421 -7.05 5.11 -10.70
C SER A 421 -6.94 6.01 -9.46
N ARG A 422 -7.33 7.29 -9.63
CA ARG A 422 -7.26 8.28 -8.52
C ARG A 422 -5.82 8.37 -7.93
N PRO A 423 -4.86 8.73 -8.80
CA PRO A 423 -3.47 8.71 -8.35
C PRO A 423 -3.13 9.81 -7.31
N TYR A 424 -3.91 10.90 -7.25
CA TYR A 424 -3.66 11.90 -6.19
C TYR A 424 -3.72 11.24 -4.82
N HIS A 425 -4.73 10.39 -4.60
CA HIS A 425 -4.95 9.79 -3.27
C HIS A 425 -3.99 8.63 -3.02
N LYS A 426 -3.58 7.95 -4.09
CA LYS A 426 -2.49 6.97 -3.99
C LYS A 426 -1.19 7.60 -3.47
N ARG A 427 -0.85 8.80 -3.99
CA ARG A 427 0.32 9.51 -3.48
C ARG A 427 0.10 9.98 -2.02
N MET A 428 -1.10 10.50 -1.74
CA MET A 428 -1.43 10.94 -0.37
C MET A 428 -1.23 9.80 0.65
N ASP A 429 -1.61 8.58 0.28
CA ASP A 429 -1.42 7.41 1.14
C ASP A 429 0.04 7.29 1.63
N ARG A 430 0.99 7.48 0.71
CA ARG A 430 2.40 7.30 1.05
C ARG A 430 2.91 8.45 1.93
N VAL A 431 2.39 9.66 1.69
CA VAL A 431 2.74 10.82 2.54
C VAL A 431 2.24 10.55 3.99
N LEU A 432 0.95 10.22 4.11
CA LEU A 432 0.39 9.96 5.44
C LEU A 432 1.06 8.74 6.13
N MET A 433 1.40 7.70 5.35
CA MET A 433 2.15 6.56 5.91
C MET A 433 3.36 7.04 6.71
N HIS A 434 4.15 7.91 6.08
CA HIS A 434 5.39 8.41 6.70
C HIS A 434 5.10 9.35 7.89
N TYR A 435 4.10 10.23 7.76
CA TYR A 435 3.72 11.15 8.86
CA TYR A 435 3.82 11.11 8.89
C TYR A 435 3.24 10.38 10.09
N VAL A 436 2.48 9.29 9.89
CA VAL A 436 2.06 8.46 11.04
C VAL A 436 3.32 7.85 11.72
N ARG A 437 4.23 7.27 10.93
CA ARG A 437 5.44 6.69 11.52
C ARG A 437 6.21 7.75 12.30
N ALA A 438 6.42 8.93 11.69
CA ALA A 438 7.22 9.97 12.34
C ALA A 438 6.55 10.51 13.62
N ALA A 439 5.22 10.68 13.60
CA ALA A 439 4.50 11.18 14.79
C ALA A 439 4.55 10.16 15.92
N GLU A 440 4.36 8.88 15.60
CA GLU A 440 4.40 7.85 16.66
C GLU A 440 5.82 7.74 17.23
N MET A 441 6.85 7.82 16.37
CA MET A 441 8.23 7.69 16.84
C MET A 441 8.65 8.91 17.69
N LEU A 442 8.43 10.12 17.18
CA LEU A 442 8.86 11.34 17.89
C LEU A 442 8.20 11.45 19.27
N SER A 443 6.93 11.06 19.37
CA SER A 443 6.21 11.19 20.65
C SER A 443 6.45 10.00 21.59
N ALA A 444 7.01 8.89 21.08
CA ALA A 444 7.27 7.69 21.90
C ALA A 444 8.36 7.91 22.95
N TRP A 445 9.27 8.85 22.70
CA TRP A 445 10.42 9.06 23.59
C TRP A 445 10.04 9.49 25.01
N HIS A 446 8.87 10.12 25.15
CA HIS A 446 8.38 10.58 26.45
C HIS A 446 7.01 10.00 26.75
N SER A 447 6.67 10.00 28.04
CA SER A 447 5.30 9.85 28.49
C SER A 447 4.62 11.24 28.49
N TRP A 448 3.37 11.33 28.06
CA TRP A 448 2.67 12.61 27.96
C TRP A 448 1.45 12.67 28.88
N ASP A 449 1.28 13.82 29.53
CA ASP A 449 0.06 14.09 30.29
C ASP A 449 -1.18 13.98 29.39
N GLY A 450 -2.30 13.49 29.94
CA GLY A 450 -3.54 13.37 29.17
C GLY A 450 -4.01 14.66 28.52
N MET A 451 -3.71 15.80 29.15
CA MET A 451 -4.09 17.10 28.62
C MET A 451 -3.41 17.45 27.30
N ALA A 452 -2.32 16.76 26.97
CA ALA A 452 -1.60 17.03 25.72
C ALA A 452 -2.32 16.42 24.52
N ARG A 453 -3.26 15.49 24.76
CA ARG A 453 -4.10 14.89 23.70
C ARG A 453 -3.27 14.14 22.64
N ILE A 454 -2.11 13.61 23.05
CA ILE A 454 -1.23 12.89 22.11
C ILE A 454 -1.87 11.57 21.65
N GLU A 455 -2.32 10.75 22.60
CA GLU A 455 -2.94 9.46 22.25
C GLU A 455 -4.18 9.66 21.37
N GLU A 456 -4.99 10.68 21.70
CA GLU A 456 -6.18 11.01 20.93
C GLU A 456 -5.85 11.30 19.47
N ARG A 457 -4.87 12.20 19.25
CA ARG A 457 -4.52 12.59 17.88
C ARG A 457 -3.91 11.43 17.10
N LEU A 458 -3.07 10.63 17.77
CA LEU A 458 -2.47 9.46 17.09
C LEU A 458 -3.49 8.40 16.74
N GLU A 459 -4.48 8.16 17.62
CA GLU A 459 -5.51 7.18 17.32
C GLU A 459 -6.33 7.63 16.08
N GLN A 460 -6.67 8.93 16.03
CA GLN A 460 -7.39 9.48 14.87
C GLN A 460 -6.56 9.26 13.58
N ALA A 461 -5.27 9.60 13.63
CA ALA A 461 -4.44 9.46 12.43
C ALA A 461 -4.30 7.99 11.98
N ARG A 462 -4.06 7.08 12.94
CA ARG A 462 -3.97 5.66 12.57
C ARG A 462 -5.28 5.15 11.96
N ARG A 463 -6.42 5.59 12.49
CA ARG A 463 -7.71 5.08 12.03
C ARG A 463 -8.09 5.60 10.64
N GLU A 464 -7.79 6.87 10.35
CA GLU A 464 -8.11 7.40 9.01
C GLU A 464 -7.21 6.75 7.95
N LEU A 465 -5.92 6.55 8.26
CA LEU A 465 -5.03 5.88 7.29
C LEU A 465 -5.47 4.42 7.11
N SER A 466 -5.79 3.76 8.23
CA SER A 466 -6.27 2.37 8.18
C SER A 466 -7.53 2.21 7.32
N LEU A 467 -8.49 3.14 7.49
CA LEU A 467 -9.71 3.11 6.69
C LEU A 467 -9.39 3.13 5.18
N PHE A 468 -8.44 3.98 4.79
CA PHE A 468 -8.13 4.14 3.36
C PHE A 468 -7.50 2.89 2.73
N GLN A 469 -7.02 1.96 3.55
CA GLN A 469 -6.48 0.70 2.99
C GLN A 469 -7.57 -0.19 2.41
N HIS A 470 -8.85 0.12 2.68
CA HIS A 470 -9.99 -0.61 2.13
C HIS A 470 -9.84 -0.83 0.61
N HIS A 471 -10.39 -1.95 0.13
CA HIS A 471 -10.33 -2.30 -1.30
C HIS A 471 -11.20 -1.42 -2.25
N ASP A 472 -11.88 -0.40 -1.71
CA ASP A 472 -12.43 0.72 -2.53
C ASP A 472 -11.83 2.09 -2.17
N GLY A 473 -10.80 2.11 -1.32
CA GLY A 473 -10.17 3.37 -0.91
C GLY A 473 -8.95 3.63 -1.78
N ILE A 474 -7.79 3.11 -1.37
CA ILE A 474 -6.54 3.33 -2.11
C ILE A 474 -6.63 2.88 -3.58
N THR A 475 -7.53 1.92 -3.87
CA THR A 475 -7.75 1.40 -5.23
C THR A 475 -8.32 2.46 -6.21
N GLY A 476 -8.91 3.53 -5.69
CA GLY A 476 -9.52 4.50 -6.59
C GLY A 476 -10.81 4.02 -7.27
N THR A 477 -11.54 3.13 -6.59
CA THR A 477 -12.77 2.55 -7.15
C THR A 477 -14.07 2.99 -6.44
N ALA A 478 -14.05 4.13 -5.72
CA ALA A 478 -15.26 4.63 -5.05
C ALA A 478 -15.91 5.80 -5.83
N LYS A 479 -17.16 6.11 -5.49
CA LYS A 479 -17.84 7.26 -6.09
C LYS A 479 -17.11 8.56 -5.71
N THR A 480 -17.27 9.59 -6.54
CA THR A 480 -16.60 10.87 -6.32
C THR A 480 -16.77 11.42 -4.91
N HIS A 481 -18.01 11.44 -4.38
CA HIS A 481 -18.22 12.02 -3.02
C HIS A 481 -17.58 11.17 -1.93
N VAL A 482 -17.38 9.89 -2.19
CA VAL A 482 -16.72 9.01 -1.23
C VAL A 482 -15.19 9.24 -1.24
N VAL A 483 -14.62 9.42 -2.43
CA VAL A 483 -13.22 9.81 -2.55
C VAL A 483 -12.96 11.12 -1.77
N VAL A 484 -13.89 12.08 -1.91
CA VAL A 484 -13.77 13.34 -1.16
C VAL A 484 -13.76 13.09 0.36
N ASP A 485 -14.65 12.22 0.85
CA ASP A 485 -14.65 11.86 2.28
C ASP A 485 -13.31 11.26 2.73
N TYR A 486 -12.77 10.31 1.97
CA TYR A 486 -11.45 9.75 2.31
C TYR A 486 -10.36 10.83 2.34
N GLU A 487 -10.40 11.74 1.36
CA GLU A 487 -9.41 12.83 1.30
C GLU A 487 -9.51 13.73 2.55
N GLN A 488 -10.74 14.11 2.91
CA GLN A 488 -10.96 15.00 4.07
C GLN A 488 -10.46 14.32 5.35
N ARG A 489 -10.76 13.03 5.49
CA ARG A 489 -10.30 12.24 6.64
C ARG A 489 -8.76 12.21 6.68
N MET A 490 -8.11 11.98 5.54
CA MET A 490 -6.64 11.96 5.53
C MET A 490 -6.03 13.34 5.80
N GLN A 491 -6.70 14.42 5.37
CA GLN A 491 -6.20 15.75 5.68
CA GLN A 491 -6.25 15.78 5.66
C GLN A 491 -6.25 16.04 7.17
N GLU A 492 -7.33 15.60 7.83
CA GLU A 492 -7.41 15.75 9.28
C GLU A 492 -6.31 14.91 9.96
N ALA A 493 -6.05 13.73 9.42
CA ALA A 493 -4.99 12.87 9.97
C ALA A 493 -3.58 13.53 9.83
N LEU A 494 -3.31 14.17 8.70
CA LEU A 494 -2.04 14.88 8.50
C LEU A 494 -1.89 16.01 9.52
N LYS A 495 -2.98 16.75 9.78
CA LYS A 495 -2.93 17.85 10.76
C LYS A 495 -2.68 17.31 12.17
N ALA A 496 -3.29 16.17 12.49
CA ALA A 496 -3.06 15.50 13.78
C ALA A 496 -1.56 15.10 13.93
N CYS A 497 -1.00 14.49 12.88
CA CYS A 497 0.42 14.12 12.91
C CYS A 497 1.32 15.35 13.08
N GLN A 498 1.04 16.44 12.35
CA GLN A 498 1.83 17.67 12.48
CA GLN A 498 1.82 17.67 12.47
C GLN A 498 1.82 18.19 13.92
N MET A 499 0.63 18.20 14.54
CA MET A 499 0.51 18.69 15.92
C MET A 499 1.39 17.87 16.86
N VAL A 500 1.30 16.53 16.77
CA VAL A 500 2.08 15.66 17.64
C VAL A 500 3.58 15.81 17.40
N MET A 501 3.98 15.83 16.11
CA MET A 501 5.40 15.97 15.76
C MET A 501 5.99 17.26 16.32
N GLN A 502 5.29 18.40 16.14
CA GLN A 502 5.89 19.68 16.53
C GLN A 502 5.93 19.86 18.06
N GLN A 503 4.91 19.36 18.78
CA GLN A 503 5.00 19.33 20.26
C GLN A 503 6.20 18.49 20.72
N SER A 504 6.42 17.35 20.05
CA SER A 504 7.53 16.46 20.41
C SER A 504 8.91 17.11 20.17
N VAL A 505 9.09 17.76 19.02
CA VAL A 505 10.34 18.45 18.73
C VAL A 505 10.62 19.53 19.80
N TYR A 506 9.61 20.33 20.14
CA TYR A 506 9.79 21.37 21.16
C TYR A 506 10.28 20.75 22.49
N ARG A 507 9.70 19.61 22.89
CA ARG A 507 10.10 18.95 24.14
C ARG A 507 11.50 18.32 24.04
N LEU A 508 11.84 17.71 22.90
CA LEU A 508 13.12 17.02 22.75
C LEU A 508 14.33 17.96 22.66
N LEU A 509 14.10 19.21 22.25
CA LEU A 509 15.19 20.14 21.97
C LEU A 509 15.16 21.42 22.82
N THR A 510 14.45 21.42 23.95
CA THR A 510 14.45 22.58 24.86
C THR A 510 15.01 22.15 26.22
N LYS A 511 15.88 22.98 26.79
CA LYS A 511 16.43 22.71 28.13
C LYS A 511 15.29 22.38 29.09
N PRO A 512 15.35 21.24 29.81
CA PRO A 512 14.20 20.81 30.59
C PRO A 512 13.65 21.82 31.63
N SER A 513 14.51 22.59 32.28
CA SER A 513 14.05 23.57 33.28
C SER A 513 13.45 24.84 32.66
N ILE A 514 13.52 24.95 31.32
CA ILE A 514 12.95 26.09 30.57
C ILE A 514 11.65 25.68 29.86
N TYR A 515 11.56 24.42 29.45
CA TYR A 515 10.40 23.90 28.69
C TYR A 515 9.07 24.29 29.33
N SER A 516 8.22 25.00 28.59
CA SER A 516 6.95 25.49 29.14
C SER A 516 5.81 25.34 28.12
N PRO A 517 5.30 24.11 27.95
CA PRO A 517 4.38 23.89 26.84
C PRO A 517 2.95 24.38 27.06
N ASP A 518 2.39 24.91 25.98
CA ASP A 518 0.96 25.09 25.82
C ASP A 518 0.62 24.05 24.76
N PHE A 519 -0.17 23.04 25.14
CA PHE A 519 -0.41 21.89 24.26
C PHE A 519 -1.30 22.20 23.04
N SER A 520 -1.86 23.40 22.99
CA SER A 520 -2.64 23.86 21.82
C SER A 520 -1.82 24.74 20.86
N PHE A 521 -0.61 25.12 21.26
CA PHE A 521 0.18 26.11 20.52
C PHE A 521 1.04 25.46 19.42
N SER A 522 1.29 26.21 18.35
CA SER A 522 2.18 25.76 17.26
C SER A 522 3.59 26.36 17.45
N TYR A 523 4.48 25.55 18.03
CA TYR A 523 5.89 25.92 18.18
C TYR A 523 6.66 25.85 16.86
N PHE A 524 6.29 24.90 16.00
CA PHE A 524 6.89 24.72 14.69
C PHE A 524 5.80 24.45 13.67
N THR A 525 6.06 24.85 12.43
CA THR A 525 5.25 24.34 11.32
C THR A 525 6.09 23.44 10.41
N LEU A 526 5.45 22.40 9.90
CA LEU A 526 6.13 21.50 8.97
C LEU A 526 6.30 22.18 7.62
N ASP A 527 7.40 21.88 6.95
CA ASP A 527 7.65 22.33 5.58
C ASP A 527 7.84 21.08 4.74
N ASP A 528 7.01 20.89 3.73
CA ASP A 528 7.11 19.70 2.89
C ASP A 528 7.21 20.17 1.44
N SER A 529 8.33 19.86 0.78
CA SER A 529 8.58 20.31 -0.59
C SER A 529 7.85 19.47 -1.65
N ARG A 530 7.31 18.31 -1.27
CA ARG A 530 6.76 17.38 -2.27
C ARG A 530 5.32 16.98 -2.02
N TRP A 531 4.66 17.60 -1.05
CA TRP A 531 3.24 17.33 -0.85
C TRP A 531 2.56 18.57 -0.26
N PRO A 532 1.44 19.04 -0.88
CA PRO A 532 0.86 18.57 -2.14
C PRO A 532 1.75 18.80 -3.36
N GLY A 533 2.73 19.69 -3.23
CA GLY A 533 3.72 19.94 -4.27
C GLY A 533 3.54 21.23 -5.02
N SER A 534 4.64 21.68 -5.60
CA SER A 534 4.68 22.89 -6.43
C SER A 534 3.73 22.68 -7.59
N GLY A 535 2.86 23.66 -7.81
CA GLY A 535 1.86 23.57 -8.88
C GLY A 535 0.59 22.81 -8.53
N VAL A 536 0.56 22.25 -7.32
CA VAL A 536 -0.61 21.54 -6.83
C VAL A 536 -1.33 22.41 -5.80
N GLU A 537 -0.62 22.82 -4.75
CA GLU A 537 -1.13 23.74 -3.74
CA GLU A 537 -1.14 23.77 -3.76
C GLU A 537 -0.04 24.74 -3.34
N ASP A 538 -0.42 25.99 -3.09
CA ASP A 538 0.53 26.94 -2.51
C ASP A 538 0.33 26.85 -1.00
N SER A 539 1.13 26.00 -0.36
CA SER A 539 0.90 25.58 1.02
C SER A 539 2.07 25.92 1.94
N ARG A 540 3.25 26.15 1.34
CA ARG A 540 4.49 26.34 2.08
C ARG A 540 4.66 27.76 2.60
N THR A 541 5.19 27.84 3.81
CA THR A 541 5.44 29.16 4.39
CA THR A 541 5.48 29.11 4.49
C THR A 541 6.83 29.67 4.02
N THR A 542 6.87 30.96 3.70
CA THR A 542 8.13 31.63 3.45
C THR A 542 8.69 32.07 4.79
N ILE A 543 9.97 31.82 5.01
CA ILE A 543 10.67 32.35 6.18
C ILE A 543 10.96 33.83 5.93
N ILE A 544 10.36 34.68 6.76
CA ILE A 544 10.46 36.13 6.57
C ILE A 544 11.56 36.73 7.44
N LEU A 545 12.62 37.20 6.77
CA LEU A 545 13.77 37.83 7.42
C LEU A 545 13.93 39.27 6.90
N GLY A 546 14.54 40.12 7.70
CA GLY A 546 14.77 41.50 7.26
C GLY A 546 15.42 42.27 8.39
N GLU A 547 16.26 43.23 8.00
CA GLU A 547 16.95 44.09 8.97
C GLU A 547 16.00 44.81 9.95
N ASP A 548 14.80 45.13 9.47
CA ASP A 548 13.82 45.85 10.29
C ASP A 548 12.71 44.94 10.84
N ILE A 549 12.94 43.62 10.88
CA ILE A 549 11.92 42.71 11.43
C ILE A 549 12.47 41.51 12.21
N LEU A 550 13.45 40.82 11.64
CA LEU A 550 13.94 39.55 12.19
C LEU A 550 15.21 39.12 11.47
N PRO A 551 16.35 39.07 12.18
CA PRO A 551 17.57 38.69 11.47
C PRO A 551 17.78 37.20 11.17
N SER A 552 17.18 36.30 11.94
CA SER A 552 17.49 34.87 11.77
C SER A 552 16.34 33.97 12.20
N LYS A 553 16.43 32.70 11.80
CA LYS A 553 15.38 31.72 12.07
C LYS A 553 15.99 30.33 12.31
N HIS A 554 15.56 29.66 13.38
CA HIS A 554 15.88 28.25 13.60
C HIS A 554 14.98 27.30 12.79
N VAL A 555 15.61 26.29 12.22
CA VAL A 555 14.92 25.17 11.56
C VAL A 555 15.47 23.85 12.14
N VAL A 556 14.63 22.81 12.14
CA VAL A 556 15.00 21.51 12.69
C VAL A 556 14.65 20.40 11.69
N MET A 557 15.59 19.46 11.50
CA MET A 557 15.33 18.24 10.69
C MET A 557 15.22 16.98 11.57
N HIS A 558 14.25 16.12 11.26
CA HIS A 558 14.11 14.80 11.87
C HIS A 558 14.43 13.68 10.88
N ASN A 559 15.13 12.64 11.37
CA ASN A 559 15.49 11.49 10.56
C ASN A 559 14.89 10.22 11.21
N THR A 560 13.81 9.68 10.65
CA THR A 560 13.14 8.51 11.27
C THR A 560 13.92 7.19 11.10
N LEU A 561 14.90 7.16 10.19
CA LEU A 561 15.68 5.93 9.94
C LEU A 561 16.77 5.72 10.98
N PRO A 562 17.06 4.45 11.33
CA PRO A 562 18.07 4.16 12.37
C PRO A 562 19.54 4.16 11.93
N HIS A 563 19.91 5.11 11.05
CA HIS A 563 21.33 5.31 10.72
C HIS A 563 21.55 6.80 10.49
N TRP A 564 22.78 7.28 10.67
CA TRP A 564 23.13 8.67 10.34
C TRP A 564 22.76 8.93 8.87
N ARG A 565 22.19 10.10 8.60
CA ARG A 565 21.80 10.39 7.22
C ARG A 565 22.08 11.83 6.86
N GLU A 566 22.64 12.04 5.66
CA GLU A 566 22.72 13.35 5.02
C GLU A 566 21.73 13.44 3.87
N GLN A 567 21.12 14.62 3.71
CA GLN A 567 20.16 14.84 2.63
C GLN A 567 20.09 16.34 2.39
N LEU A 568 20.01 16.77 1.12
CA LEU A 568 19.73 18.19 0.84
C LEU A 568 18.32 18.53 1.29
N VAL A 569 18.18 19.68 1.93
CA VAL A 569 16.87 20.20 2.33
C VAL A 569 16.74 21.63 1.77
N ASP A 570 15.50 22.04 1.51
CA ASP A 570 15.26 23.40 0.99
C ASP A 570 14.14 24.10 1.75
N PHE A 571 14.26 25.43 1.85
CA PHE A 571 13.24 26.28 2.47
C PHE A 571 13.02 27.49 1.56
N TYR A 572 11.81 28.04 1.59
CA TYR A 572 11.55 29.34 0.98
C TYR A 572 11.93 30.45 1.97
N VAL A 573 12.64 31.46 1.45
CA VAL A 573 13.11 32.63 2.24
C VAL A 573 12.82 33.94 1.49
N SER A 574 12.68 35.02 2.24
CA SER A 574 12.24 36.30 1.65
C SER A 574 13.38 37.15 1.09
N SER A 575 14.62 36.66 1.17
CA SER A 575 15.82 37.34 0.63
C SER A 575 16.75 36.29 0.02
N PRO A 576 17.50 36.65 -1.04
CA PRO A 576 18.53 35.72 -1.54
C PRO A 576 19.81 35.74 -0.69
N PHE A 577 19.97 36.75 0.18
CA PHE A 577 21.21 36.91 0.93
C PHE A 577 21.10 36.26 2.30
N VAL A 578 21.15 34.92 2.29
CA VAL A 578 20.93 34.11 3.50
C VAL A 578 22.07 33.11 3.64
N SER A 579 22.54 32.96 4.87
CA SER A 579 23.55 31.94 5.11
CA SER A 579 23.66 32.08 5.29
C SER A 579 23.14 31.01 6.24
N VAL A 580 23.73 29.83 6.22
CA VAL A 580 23.35 28.73 7.10
C VAL A 580 24.50 28.39 8.07
N THR A 581 24.14 28.16 9.34
CA THR A 581 25.07 27.69 10.37
C THR A 581 24.43 26.53 11.15
N ASP A 582 25.28 25.67 11.73
CA ASP A 582 24.78 24.63 12.66
C ASP A 582 24.70 25.23 14.07
N LEU A 583 24.29 24.47 15.09
CA LEU A 583 24.16 25.15 16.39
C LEU A 583 25.47 25.13 17.20
N ALA A 584 26.62 24.95 16.53
CA ALA A 584 27.92 25.37 17.08
C ALA A 584 28.43 26.58 16.28
N ASN A 585 27.55 27.16 15.46
CA ASN A 585 27.86 28.37 14.67
C ASN A 585 28.90 28.09 13.57
N ASN A 586 29.07 26.82 13.18
CA ASN A 586 29.92 26.43 12.04
C ASN A 586 29.16 26.74 10.74
N PRO A 587 29.81 27.46 9.79
CA PRO A 587 29.17 27.69 8.49
C PRO A 587 28.83 26.38 7.75
N VAL A 588 27.72 26.38 7.01
CA VAL A 588 27.28 25.24 6.22
C VAL A 588 27.13 25.76 4.79
N GLU A 589 27.74 25.07 3.82
CA GLU A 589 27.65 25.49 2.42
C GLU A 589 26.19 25.44 1.95
N ALA A 590 25.74 26.47 1.23
CA ALA A 590 24.38 26.55 0.77
C ALA A 590 24.31 27.04 -0.67
N GLN A 591 23.17 26.80 -1.30
CA GLN A 591 22.87 27.28 -2.67
C GLN A 591 21.53 27.96 -2.66
N VAL A 592 21.43 29.13 -3.32
CA VAL A 592 20.15 29.78 -3.51
C VAL A 592 19.75 29.67 -4.98
N SER A 593 18.48 29.31 -5.20
CA SER A 593 17.84 29.19 -6.53
C SER A 593 16.55 29.99 -6.55
N PRO A 594 16.06 30.37 -7.73
CA PRO A 594 14.76 31.05 -7.76
C PRO A 594 13.59 30.13 -7.40
N VAL A 595 12.41 30.72 -7.13
CA VAL A 595 11.17 29.93 -7.05
C VAL A 595 10.47 30.06 -8.40
N TRP A 596 10.39 28.92 -9.11
CA TRP A 596 9.82 28.85 -10.44
C TRP A 596 8.44 28.18 -10.38
N SER A 597 7.44 28.78 -11.03
CA SER A 597 6.12 28.14 -11.16
C SER A 597 5.72 28.10 -12.63
N TRP A 598 5.05 27.03 -13.02
CA TRP A 598 4.68 26.81 -14.40
C TRP A 598 3.23 27.20 -14.62
N HIS A 599 2.96 27.80 -15.77
CA HIS A 599 1.64 28.31 -16.06
C HIS A 599 1.20 27.90 -17.44
N HIS A 600 -0.04 27.45 -17.56
CA HIS A 600 -0.59 27.31 -18.89
C HIS A 600 -1.14 28.66 -19.30
N ASP A 601 -0.43 29.29 -20.22
CA ASP A 601 -0.75 30.62 -20.66
C ASP A 601 -1.88 30.53 -21.69
N THR A 602 -3.10 30.88 -21.26
CA THR A 602 -4.28 30.75 -22.11
C THR A 602 -4.36 31.83 -23.20
N LEU A 603 -3.44 32.79 -23.16
CA LEU A 603 -3.33 33.82 -24.19
C LEU A 603 -2.33 33.46 -25.29
N THR A 604 -1.10 33.13 -24.90
CA THR A 604 -0.07 32.72 -25.86
C THR A 604 -0.15 31.24 -26.26
N LYS A 605 -0.94 30.46 -25.52
CA LYS A 605 -1.10 29.01 -25.78
C LYS A 605 0.23 28.28 -25.63
N THR A 606 0.96 28.64 -24.57
CA THR A 606 2.23 27.99 -24.25
C THR A 606 2.23 27.67 -22.77
N ILE A 607 3.07 26.70 -22.39
CA ILE A 607 3.28 26.34 -20.99
C ILE A 607 4.70 26.78 -20.64
N HIS A 608 4.83 27.73 -19.71
CA HIS A 608 6.13 28.36 -19.46
C HIS A 608 6.28 28.77 -18.00
N PRO A 609 7.52 28.91 -17.52
CA PRO A 609 7.77 29.23 -16.12
C PRO A 609 7.88 30.73 -15.82
N GLN A 610 7.40 31.09 -14.64
CA GLN A 610 7.54 32.45 -14.13
C GLN A 610 8.32 32.37 -12.83
N GLY A 611 9.20 33.34 -12.60
CA GLY A 611 10.01 33.37 -11.37
C GLY A 611 9.50 34.41 -10.38
N SER A 612 9.63 34.11 -9.10
CA SER A 612 9.27 35.09 -8.07
C SER A 612 10.33 36.18 -7.95
N THR A 613 9.90 37.42 -7.64
CA THR A 613 10.87 38.49 -7.39
C THR A 613 11.03 38.83 -5.90
N THR A 614 10.42 38.01 -5.03
CA THR A 614 10.45 38.27 -3.58
C THR A 614 10.66 37.02 -2.69
N LYS A 615 10.52 35.82 -3.28
CA LYS A 615 10.73 34.53 -2.58
C LYS A 615 11.84 33.80 -3.30
N TYR A 616 12.67 33.09 -2.55
CA TYR A 616 13.82 32.35 -3.08
C TYR A 616 13.93 31.03 -2.35
N ARG A 617 14.60 30.06 -2.96
CA ARG A 617 14.87 28.76 -2.32
C ARG A 617 16.29 28.71 -1.80
N ILE A 618 16.47 28.36 -0.52
CA ILE A 618 17.79 28.08 -0.01
C ILE A 618 17.91 26.57 0.25
N ILE A 619 19.05 26.00 -0.16
CA ILE A 619 19.30 24.57 -0.20
C ILE A 619 20.61 24.28 0.53
N PHE A 620 20.63 23.30 1.43
CA PHE A 620 21.87 22.91 2.11
C PHE A 620 21.80 21.48 2.54
N LYS A 621 22.96 20.89 2.82
CA LYS A 621 23.01 19.49 3.28
C LYS A 621 22.81 19.40 4.79
N ALA A 622 21.73 18.73 5.21
CA ALA A 622 21.53 18.45 6.63
C ALA A 622 22.11 17.10 7.01
N ARG A 623 22.73 17.02 8.20
CA ARG A 623 23.27 15.74 8.71
C ARG A 623 22.59 15.46 10.05
N VAL A 624 21.90 14.32 10.12
CA VAL A 624 20.97 14.06 11.24
C VAL A 624 21.25 12.69 11.86
N PRO A 625 21.26 12.62 13.22
CA PRO A 625 21.52 11.32 13.88
C PRO A 625 20.47 10.23 13.58
N PRO A 626 20.79 8.97 13.91
CA PRO A 626 19.79 7.89 13.76
C PRO A 626 18.58 8.20 14.63
N MET A 627 17.37 8.11 14.06
CA MET A 627 16.12 8.36 14.83
C MET A 627 16.22 9.65 15.64
N GLY A 628 16.79 10.69 15.01
CA GLY A 628 17.21 11.89 15.75
C GLY A 628 16.84 13.22 15.12
N LEU A 629 17.37 14.30 15.71
CA LEU A 629 17.05 15.68 15.30
C LEU A 629 18.33 16.52 15.22
N ALA A 630 18.33 17.49 14.29
CA ALA A 630 19.46 18.42 14.15
C ALA A 630 18.92 19.83 13.85
N THR A 631 19.46 20.82 14.57
CA THR A 631 19.04 22.24 14.45
C THR A 631 20.03 23.06 13.63
N TYR A 632 19.50 23.92 12.74
CA TYR A 632 20.33 24.85 11.97
C TYR A 632 19.71 26.24 12.08
N VAL A 633 20.48 27.25 11.67
CA VAL A 633 20.05 28.66 11.73
C VAL A 633 20.26 29.30 10.36
N LEU A 634 19.22 30.03 9.91
CA LEU A 634 19.27 30.83 8.66
C LEU A 634 19.35 32.31 9.03
N THR A 635 20.36 33.02 8.52
CA THR A 635 20.62 34.43 8.89
C THR A 635 20.72 35.30 7.64
N ILE A 636 20.04 36.45 7.67
CA ILE A 636 20.09 37.39 6.55
C ILE A 636 21.35 38.29 6.63
N SER A 637 21.86 38.69 5.47
CA SER A 637 22.93 39.71 5.40
C SER A 637 22.56 40.71 4.31
N ASP A 638 23.30 41.83 4.24
CA ASP A 638 22.95 42.87 3.25
C ASP A 638 23.42 42.55 1.83
N SER A 639 24.38 41.64 1.72
CA SER A 639 24.95 41.24 0.42
C SER A 639 25.28 39.74 0.40
N LYS A 640 25.82 39.26 -0.72
CA LYS A 640 26.16 37.84 -0.89
C LYS A 640 27.08 37.32 0.22
N PRO A 641 26.60 36.30 0.96
CA PRO A 641 27.35 35.62 2.01
C PRO A 641 28.53 34.79 1.49
N GLU A 642 29.56 34.66 2.31
CA GLU A 642 30.75 33.86 1.94
C GLU A 642 30.47 32.40 1.55
N HIS A 643 29.52 31.76 2.23
CA HIS A 643 29.30 30.31 2.07
C HIS A 643 28.03 29.94 1.31
N THR A 644 27.45 30.90 0.61
CA THR A 644 26.24 30.69 -0.20
C THR A 644 26.55 31.00 -1.66
N SER A 645 26.23 30.09 -2.57
CA SER A 645 26.38 30.29 -4.02
C SER A 645 25.00 30.44 -4.67
N TYR A 646 24.96 30.89 -5.93
CA TYR A 646 23.73 31.18 -6.66
C TYR A 646 23.72 30.38 -7.96
N ALA A 647 22.61 29.67 -8.23
CA ALA A 647 22.43 28.91 -9.47
C ALA A 647 22.34 29.84 -10.68
N SER A 648 22.84 29.35 -11.80
CA SER A 648 22.52 29.97 -13.08
C SER A 648 21.21 29.40 -13.62
N ASN A 649 20.53 30.16 -14.49
CA ASN A 649 19.26 29.74 -15.08
C ASN A 649 19.25 30.05 -16.57
N LEU A 650 18.84 29.06 -17.37
CA LEU A 650 18.81 29.18 -18.83
C LEU A 650 17.44 28.72 -19.33
N LEU A 651 16.73 29.61 -20.02
CA LEU A 651 15.45 29.31 -20.62
C LEU A 651 15.59 29.08 -22.11
N LEU A 652 15.24 27.87 -22.57
CA LEU A 652 15.39 27.47 -23.96
C LEU A 652 14.02 27.43 -24.63
N ARG A 653 13.83 28.36 -25.57
CA ARG A 653 12.57 28.50 -26.30
C ARG A 653 12.78 29.48 -27.43
N LYS A 654 11.99 29.33 -28.48
CA LYS A 654 11.86 30.39 -29.46
C LYS A 654 10.94 31.48 -28.87
N ASN A 655 11.16 32.72 -29.29
CA ASN A 655 10.32 33.84 -28.86
C ASN A 655 10.32 34.08 -27.33
N PRO A 656 11.53 34.20 -26.73
CA PRO A 656 11.59 34.43 -25.29
C PRO A 656 11.23 35.85 -24.94
N THR A 657 10.77 36.03 -23.70
CA THR A 657 10.60 37.34 -23.11
C THR A 657 11.35 37.36 -21.78
N SER A 658 11.62 38.55 -21.27
CA SER A 658 12.43 38.73 -20.06
C SER A 658 11.85 38.01 -18.84
N LEU A 659 12.73 37.69 -17.90
CA LEU A 659 12.37 36.98 -16.66
C LEU A 659 13.12 37.61 -15.47
N PRO A 660 12.59 38.73 -14.93
CA PRO A 660 13.26 39.41 -13.81
C PRO A 660 13.11 38.61 -12.51
N LEU A 661 14.09 38.72 -11.62
CA LEU A 661 14.11 37.91 -10.40
C LEU A 661 14.41 38.73 -9.13
N GLY A 662 14.10 40.02 -9.15
CA GLY A 662 14.33 40.90 -7.98
C GLY A 662 15.79 41.01 -7.58
N GLN A 663 16.07 40.73 -6.30
CA GLN A 663 17.43 40.83 -5.74
C GLN A 663 18.35 39.68 -6.15
N TYR A 664 17.81 38.64 -6.80
CA TYR A 664 18.61 37.48 -7.19
C TYR A 664 19.83 37.93 -8.02
N PRO A 665 21.04 37.58 -7.60
CA PRO A 665 22.25 38.19 -8.19
C PRO A 665 22.67 37.77 -9.60
N GLU A 666 22.09 36.70 -10.16
CA GLU A 666 22.41 36.26 -11.54
C GLU A 666 21.25 36.45 -12.50
N ASP A 667 21.52 37.13 -13.62
CA ASP A 667 20.49 37.32 -14.65
C ASP A 667 20.18 36.00 -15.40
N VAL A 668 18.88 35.75 -15.64
CA VAL A 668 18.47 34.59 -16.47
C VAL A 668 19.02 34.76 -17.90
N LYS A 669 19.47 33.66 -18.49
CA LYS A 669 19.97 33.59 -19.87
C LYS A 669 18.95 32.87 -20.77
N PHE A 670 19.00 33.16 -22.07
CA PHE A 670 18.04 32.63 -23.04
C PHE A 670 18.77 31.98 -24.22
N GLY A 671 18.10 31.05 -24.89
CA GLY A 671 18.65 30.44 -26.10
C GLY A 671 17.58 29.68 -26.85
N ASP A 672 17.87 29.36 -28.12
CA ASP A 672 17.02 28.43 -28.88
C ASP A 672 17.15 27.01 -28.29
N PRO A 673 16.08 26.19 -28.40
CA PRO A 673 16.18 24.80 -27.94
C PRO A 673 17.43 24.10 -28.49
N ARG A 674 18.08 23.32 -27.64
CA ARG A 674 19.31 22.62 -27.98
C ARG A 674 19.55 21.48 -27.00
N GLU A 675 20.32 20.49 -27.44
CA GLU A 675 20.74 19.42 -26.53
C GLU A 675 21.65 19.98 -25.45
N ILE A 676 21.55 19.43 -24.25
CA ILE A 676 22.43 19.86 -23.18
C ILE A 676 22.87 18.70 -22.27
N SER A 677 23.97 18.92 -21.56
CA SER A 677 24.54 17.94 -20.65
C SER A 677 24.82 18.59 -19.30
N LEU A 678 24.61 17.84 -18.21
CA LEU A 678 24.85 18.34 -16.86
C LEU A 678 25.53 17.29 -15.99
N ARG A 679 26.35 17.76 -15.05
CA ARG A 679 26.98 16.91 -14.03
C ARG A 679 27.05 17.66 -12.69
N VAL A 680 26.49 17.06 -11.63
CA VAL A 680 26.64 17.58 -10.29
C VAL A 680 27.63 16.72 -9.50
N GLY A 681 28.56 17.40 -8.81
CA GLY A 681 29.61 16.75 -8.04
C GLY A 681 30.44 15.79 -8.89
N ASN A 682 30.71 14.63 -8.32
CA ASN A 682 31.41 13.57 -9.04
C ASN A 682 30.46 12.48 -9.50
N GLY A 683 29.18 12.85 -9.63
CA GLY A 683 28.13 11.90 -9.93
C GLY A 683 28.01 11.67 -11.42
N PRO A 684 26.86 11.13 -11.87
CA PRO A 684 26.72 10.85 -13.30
C PRO A 684 26.57 12.12 -14.15
N THR A 685 26.88 11.99 -15.42
CA THR A 685 26.64 13.04 -16.41
C THR A 685 25.42 12.64 -17.21
N LEU A 686 24.41 13.53 -17.26
CA LEU A 686 23.16 13.24 -17.92
C LEU A 686 23.03 14.13 -19.16
N ALA A 687 22.65 13.53 -20.28
CA ALA A 687 22.41 14.28 -21.52
C ALA A 687 20.92 14.32 -21.84
N PHE A 688 20.44 15.48 -22.31
CA PHE A 688 19.03 15.72 -22.61
C PHE A 688 18.80 16.13 -24.07
N SER A 689 17.66 15.74 -24.62
CA SER A 689 17.24 16.16 -25.96
C SER A 689 16.85 17.64 -25.95
N GLU A 690 16.65 18.21 -27.15
CA GLU A 690 16.16 19.58 -27.24
C GLU A 690 14.74 19.77 -26.67
N GLN A 691 14.03 18.67 -26.45
CA GLN A 691 12.71 18.73 -25.78
C GLN A 691 12.78 18.55 -24.26
N GLY A 692 14.00 18.53 -23.71
CA GLY A 692 14.18 18.50 -22.24
C GLY A 692 14.01 17.12 -21.61
N LEU A 693 14.13 16.06 -22.41
CA LEU A 693 13.96 14.68 -21.93
C LEU A 693 15.29 13.94 -21.95
N LEU A 694 15.54 13.14 -20.90
CA LEU A 694 16.77 12.37 -20.79
C LEU A 694 17.00 11.53 -22.06
N LYS A 695 18.24 11.52 -22.53
CA LYS A 695 18.66 10.62 -23.61
C LYS A 695 19.81 9.65 -23.26
N SER A 696 20.65 10.02 -22.30
CA SER A 696 21.77 9.13 -21.90
C SER A 696 22.28 9.42 -20.50
N ILE A 697 22.90 8.40 -19.90
CA ILE A 697 23.54 8.51 -18.58
C ILE A 697 24.99 8.00 -18.71
N GLN A 698 25.94 8.80 -18.26
CA GLN A 698 27.35 8.37 -18.23
C GLN A 698 27.79 8.27 -16.77
N LEU A 699 28.06 7.06 -16.30
CA LEU A 699 28.28 6.87 -14.86
C LEU A 699 29.55 7.55 -14.30
N THR A 700 30.64 7.46 -15.05
CA THR A 700 31.92 8.07 -14.63
C THR A 700 32.60 8.79 -15.81
N GLN A 701 33.73 9.44 -15.52
CA GLN A 701 34.48 10.24 -16.50
C GLN A 701 34.79 9.54 -17.82
N ASP A 702 35.23 8.28 -17.75
CA ASP A 702 35.70 7.55 -18.93
C ASP A 702 34.63 6.63 -19.55
N SER A 703 33.53 6.43 -18.84
CA SER A 703 32.54 5.41 -19.19
C SER A 703 31.65 5.77 -20.39
N PRO A 704 30.96 4.78 -20.99
CA PRO A 704 30.06 5.02 -22.11
C PRO A 704 28.84 5.87 -21.74
N HIS A 705 28.36 6.63 -22.72
CA HIS A 705 27.06 7.30 -22.60
C HIS A 705 25.97 6.28 -22.92
N VAL A 706 25.37 5.71 -21.87
CA VAL A 706 24.41 4.62 -22.03
C VAL A 706 23.06 5.21 -22.43
N PRO A 707 22.48 4.76 -23.56
CA PRO A 707 21.16 5.25 -23.98
C PRO A 707 20.08 4.91 -22.96
N VAL A 708 19.44 5.96 -22.46
CA VAL A 708 18.33 5.84 -21.50
C VAL A 708 17.40 7.01 -21.87
N HIS A 709 16.28 6.71 -22.51
CA HIS A 709 15.40 7.77 -23.08
C HIS A 709 14.02 7.77 -22.43
N PHE A 710 13.62 8.94 -21.89
CA PHE A 710 12.24 9.14 -21.41
C PHE A 710 11.32 9.55 -22.58
N LYS A 711 10.11 9.00 -22.59
CA LYS A 711 9.10 9.28 -23.61
C LYS A 711 7.73 9.23 -22.96
N PHE A 712 6.84 10.16 -23.31
CA PHE A 712 5.44 10.14 -22.89
C PHE A 712 4.52 9.69 -24.03
N LEU A 713 3.60 8.77 -23.72
CA LEU A 713 2.65 8.22 -24.70
C LEU A 713 1.23 8.21 -24.13
N LYS A 714 0.26 7.94 -24.99
CA LYS A 714 -1.14 7.84 -24.57
C LYS A 714 -1.81 6.57 -25.07
N TYR A 715 -2.56 5.95 -24.17
CA TYR A 715 -3.49 4.87 -24.52
C TYR A 715 -4.90 5.45 -24.64
N GLY A 716 -5.72 4.85 -25.50
CA GLY A 716 -7.13 5.23 -25.63
C GLY A 716 -8.05 4.09 -25.18
N VAL A 717 -9.32 4.20 -25.57
CA VAL A 717 -10.39 3.27 -25.18
C VAL A 717 -11.04 2.72 -26.45
N ARG A 718 -11.57 1.51 -26.37
CA ARG A 718 -12.18 0.82 -27.52
C ARG A 718 -13.49 1.46 -27.93
N SER A 719 -13.72 1.52 -29.25
CA SER A 719 -14.94 2.11 -29.79
C SER A 719 -16.09 1.11 -29.90
N HIS A 720 -15.79 -0.17 -29.74
N HIS A 720 -15.78 -0.17 -29.75
CA HIS A 720 -16.80 -1.23 -29.63
CA HIS A 720 -16.80 -1.20 -29.60
C HIS A 720 -16.36 -2.32 -28.65
C HIS A 720 -16.38 -2.19 -28.52
N GLY A 721 -17.34 -2.93 -28.00
CA GLY A 721 -17.08 -3.90 -26.92
C GLY A 721 -16.80 -3.21 -25.61
N ASP A 722 -16.11 -3.92 -24.72
CA ASP A 722 -15.94 -3.46 -23.33
C ASP A 722 -15.05 -2.22 -23.21
N ARG A 723 -15.50 -1.28 -22.37
CA ARG A 723 -14.78 -0.02 -22.13
C ARG A 723 -13.96 -0.03 -20.83
N SER A 724 -12.76 0.56 -20.90
CA SER A 724 -11.97 0.82 -19.70
C SER A 724 -12.76 1.68 -18.71
N GLY A 725 -12.54 1.41 -17.41
CA GLY A 725 -13.15 2.21 -16.33
C GLY A 725 -12.23 2.19 -15.12
N ALA A 726 -12.76 2.48 -13.92
CA ALA A 726 -11.94 2.53 -12.71
C ALA A 726 -11.18 1.23 -12.42
N TYR A 727 -11.78 0.09 -12.78
CA TYR A 727 -11.17 -1.22 -12.52
C TYR A 727 -10.35 -1.76 -13.69
N LEU A 728 -10.96 -1.73 -14.89
CA LEU A 728 -10.44 -2.45 -16.06
C LEU A 728 -9.60 -1.56 -16.97
N PHE A 729 -8.49 -2.10 -17.48
CA PHE A 729 -7.65 -1.45 -18.49
C PHE A 729 -7.87 -2.25 -19.79
N LEU A 730 -8.54 -1.62 -20.74
CA LEU A 730 -8.90 -2.26 -22.02
C LEU A 730 -8.45 -1.36 -23.18
N PRO A 731 -7.12 -1.27 -23.40
CA PRO A 731 -6.61 -0.30 -24.38
C PRO A 731 -7.02 -0.65 -25.82
N ASN A 732 -7.10 0.39 -26.65
CA ASN A 732 -7.31 0.20 -28.10
C ASN A 732 -5.97 0.08 -28.83
N GLY A 733 -5.18 -0.92 -28.45
CA GLY A 733 -3.87 -1.14 -29.04
C GLY A 733 -2.74 -0.47 -28.26
N PRO A 734 -1.48 -0.69 -28.69
CA PRO A 734 -0.32 -0.05 -28.07
C PRO A 734 -0.42 1.48 -28.05
N ALA A 735 0.29 2.07 -27.10
CA ALA A 735 0.25 3.53 -26.90
C ALA A 735 0.84 4.31 -28.07
N SER A 736 0.33 5.53 -28.27
CA SER A 736 0.81 6.45 -29.31
C SER A 736 1.57 7.62 -28.67
N PRO A 737 2.69 8.06 -29.29
CA PRO A 737 3.43 9.18 -28.66
C PRO A 737 2.61 10.45 -28.47
N VAL A 738 2.80 11.12 -27.34
CA VAL A 738 2.22 12.46 -27.15
C VAL A 738 2.93 13.42 -28.11
N GLU A 739 2.16 14.21 -28.83
CA GLU A 739 2.72 15.23 -29.72
C GLU A 739 3.22 16.40 -28.89
N LEU A 740 4.53 16.64 -28.93
CA LEU A 740 5.15 17.60 -27.99
C LEU A 740 5.24 19.06 -28.46
N GLY A 741 5.11 19.30 -29.76
CA GLY A 741 5.37 20.64 -30.32
C GLY A 741 6.81 21.10 -30.09
N GLN A 742 7.00 22.37 -29.73
CA GLN A 742 8.32 22.88 -29.38
C GLN A 742 8.26 23.38 -27.92
N PRO A 743 8.42 22.45 -26.96
CA PRO A 743 8.17 22.86 -25.57
C PRO A 743 9.25 23.76 -24.97
N VAL A 744 8.87 24.52 -23.95
CA VAL A 744 9.79 25.41 -23.22
C VAL A 744 10.57 24.59 -22.17
N VAL A 745 11.90 24.74 -22.17
CA VAL A 745 12.80 23.98 -21.30
C VAL A 745 13.56 24.93 -20.38
N LEU A 746 13.57 24.64 -19.08
CA LEU A 746 14.28 25.47 -18.10
C LEU A 746 15.43 24.67 -17.48
N VAL A 747 16.65 25.20 -17.57
CA VAL A 747 17.84 24.56 -17.01
C VAL A 747 18.38 25.40 -15.85
N THR A 748 18.44 24.81 -14.66
CA THR A 748 19.04 25.46 -13.52
C THR A 748 20.32 24.72 -13.13
N LYS A 749 21.44 25.44 -13.05
CA LYS A 749 22.75 24.82 -12.78
C LYS A 749 23.33 25.38 -11.51
N GLY A 750 23.54 24.52 -10.52
CA GLY A 750 24.08 24.92 -9.23
C GLY A 750 25.16 23.98 -8.75
N LYS A 751 25.92 24.43 -7.76
CA LYS A 751 26.98 23.59 -7.19
C LYS A 751 26.42 22.38 -6.44
N LEU A 752 25.28 22.57 -5.76
CA LEU A 752 24.65 21.49 -4.95
C LEU A 752 23.50 20.77 -5.65
N GLU A 753 22.76 21.48 -6.51
CA GLU A 753 21.58 20.94 -7.16
C GLU A 753 21.40 21.60 -8.52
N SER A 754 21.19 20.77 -9.53
CA SER A 754 20.86 21.22 -10.89
C SER A 754 19.58 20.54 -11.37
N SER A 755 18.92 21.09 -12.39
CA SER A 755 17.70 20.46 -12.89
C SER A 755 17.37 20.89 -14.31
N VAL A 756 16.62 20.03 -15.01
CA VAL A 756 16.03 20.35 -16.30
C VAL A 756 14.52 20.11 -16.18
N SER A 757 13.73 21.13 -16.51
CA SER A 757 12.27 21.04 -16.42
C SER A 757 11.65 21.42 -17.76
N VAL A 758 10.61 20.71 -18.19
CA VAL A 758 9.97 20.99 -19.47
C VAL A 758 8.44 20.93 -19.35
N GLY A 759 7.76 21.90 -19.98
CA GLY A 759 6.30 21.98 -19.95
C GLY A 759 5.72 21.22 -21.13
N LEU A 760 5.35 19.96 -20.91
CA LEU A 760 4.76 19.12 -21.96
C LEU A 760 3.24 19.13 -21.85
N PRO A 761 2.52 18.73 -22.91
CA PRO A 761 1.06 18.63 -22.75
C PRO A 761 0.72 17.62 -21.64
N SER A 762 -0.05 18.09 -20.65
CA SER A 762 -0.49 17.34 -19.45
C SER A 762 0.57 17.07 -18.38
N VAL A 763 1.84 17.39 -18.62
CA VAL A 763 2.89 17.04 -17.66
C VAL A 763 4.02 18.07 -17.64
N VAL A 764 4.30 18.64 -16.46
CA VAL A 764 5.57 19.35 -16.29
C VAL A 764 6.56 18.30 -15.75
N HIS A 765 7.56 17.96 -16.58
CA HIS A 765 8.50 16.86 -16.29
C HIS A 765 9.83 17.46 -15.85
N GLN A 766 10.36 16.98 -14.73
CA GLN A 766 11.54 17.55 -14.10
CA GLN A 766 11.56 17.55 -14.14
C GLN A 766 12.55 16.45 -13.76
N THR A 767 13.82 16.67 -14.15
CA THR A 767 14.94 15.79 -13.75
C THR A 767 15.87 16.60 -12.84
N ILE A 768 16.07 16.12 -11.61
CA ILE A 768 16.85 16.83 -10.60
C ILE A 768 18.11 16.02 -10.23
N MET A 769 19.24 16.71 -10.16
CA MET A 769 20.55 16.10 -9.92
C MET A 769 21.19 16.69 -8.67
N ARG A 770 21.58 15.83 -7.74
CA ARG A 770 22.24 16.24 -6.50
C ARG A 770 23.56 15.50 -6.27
N GLY A 771 24.02 14.80 -7.29
CA GLY A 771 25.31 14.13 -7.19
C GLY A 771 25.26 12.63 -7.19
N GLY A 772 24.05 12.06 -7.10
CA GLY A 772 23.83 10.60 -7.27
C GLY A 772 22.78 10.31 -8.34
N ALA A 773 22.05 9.21 -8.18
CA ALA A 773 20.94 8.93 -9.09
C ALA A 773 19.95 10.12 -9.15
N PRO A 774 19.49 10.50 -10.35
CA PRO A 774 18.55 11.63 -10.39
C PRO A 774 17.19 11.34 -9.74
N GLU A 775 16.52 12.41 -9.34
CA GLU A 775 15.12 12.41 -8.92
C GLU A 775 14.29 12.91 -10.10
N ILE A 776 13.20 12.23 -10.39
CA ILE A 776 12.24 12.67 -11.42
C ILE A 776 10.96 13.13 -10.72
N ARG A 777 10.44 14.28 -11.12
CA ARG A 777 9.11 14.75 -10.66
C ARG A 777 8.23 15.08 -11.85
N ASN A 778 6.99 14.58 -11.85
CA ASN A 778 6.01 14.91 -12.87
C ASN A 778 4.81 15.58 -12.23
N LEU A 779 4.53 16.83 -12.64
CA LEU A 779 3.28 17.48 -12.24
C LEU A 779 2.26 17.15 -13.34
N VAL A 780 1.35 16.23 -13.01
CA VAL A 780 0.46 15.62 -14.01
C VAL A 780 -0.95 16.22 -13.93
N ASP A 781 -1.38 16.88 -15.01
CA ASP A 781 -2.72 17.45 -15.09
C ASP A 781 -3.37 17.04 -16.40
N ILE A 782 -4.10 15.94 -16.37
CA ILE A 782 -4.71 15.38 -17.57
C ILE A 782 -5.86 16.26 -18.09
N GLY A 783 -6.28 17.25 -17.30
CA GLY A 783 -7.22 18.28 -17.79
C GLY A 783 -8.52 17.66 -18.25
N SER A 784 -8.98 18.04 -19.43
CA SER A 784 -10.24 17.52 -19.96
C SER A 784 -10.05 16.45 -21.05
N LEU A 785 -8.89 15.78 -21.07
CA LEU A 785 -8.63 14.74 -22.08
C LEU A 785 -9.38 13.42 -21.82
N ASP A 786 -10.63 13.35 -22.27
CA ASP A 786 -11.47 12.18 -22.01
C ASP A 786 -10.90 10.92 -22.69
N ASN A 787 -11.14 9.79 -22.05
CA ASN A 787 -10.75 8.49 -22.60
C ASN A 787 -9.29 8.39 -22.98
N THR A 788 -8.45 8.85 -22.05
CA THR A 788 -7.00 8.90 -22.24
C THR A 788 -6.28 8.38 -20.99
N GLU A 789 -5.24 7.58 -21.22
CA GLU A 789 -4.32 7.17 -20.14
C GLU A 789 -2.91 7.62 -20.54
N ILE A 790 -2.25 8.40 -19.67
CA ILE A 790 -0.91 8.93 -19.97
C ILE A 790 0.14 8.03 -19.31
N VAL A 791 1.09 7.53 -20.11
CA VAL A 791 2.16 6.65 -19.64
C VAL A 791 3.52 7.31 -19.82
N MET A 792 4.40 7.07 -18.84
CA MET A 792 5.82 7.45 -18.94
C MET A 792 6.64 6.18 -19.22
N ARG A 793 7.38 6.17 -20.33
CA ARG A 793 8.19 5.02 -20.74
C ARG A 793 9.67 5.37 -20.74
N LEU A 794 10.49 4.38 -20.37
CA LEU A 794 11.95 4.41 -20.50
C LEU A 794 12.37 3.41 -21.56
N GLU A 795 13.17 3.88 -22.54
CA GLU A 795 13.71 3.03 -23.60
C GLU A 795 15.21 2.89 -23.45
N THR A 796 15.68 1.65 -23.37
CA THR A 796 17.10 1.36 -23.24
C THR A 796 17.48 0.25 -24.22
N HIS A 797 18.77 -0.06 -24.23
CA HIS A 797 19.12 -1.19 -25.09
CA HIS A 797 19.47 -1.11 -24.97
C HIS A 797 19.54 -2.41 -24.23
N ILE A 798 19.20 -2.39 -22.91
CA ILE A 798 19.41 -3.53 -22.00
C ILE A 798 18.71 -4.77 -22.57
N ASP A 799 19.44 -5.90 -22.63
CA ASP A 799 18.93 -7.13 -23.23
C ASP A 799 18.14 -7.96 -22.20
N SER A 800 17.00 -7.41 -21.78
CA SER A 800 16.16 -8.02 -20.75
C SER A 800 15.23 -9.10 -21.30
N GLY A 801 14.99 -9.11 -22.62
CA GLY A 801 14.12 -10.12 -23.23
C GLY A 801 12.69 -9.96 -22.78
N ASP A 802 12.17 -10.98 -22.11
CA ASP A 802 10.79 -10.98 -21.61
C ASP A 802 10.70 -10.90 -20.08
N ILE A 803 11.81 -10.62 -19.41
CA ILE A 803 11.86 -10.61 -17.95
C ILE A 803 11.89 -9.19 -17.38
N PHE A 804 11.15 -8.97 -16.29
CA PHE A 804 11.23 -7.73 -15.51
C PHE A 804 10.86 -8.03 -14.07
N TYR A 805 11.08 -7.08 -13.16
CA TYR A 805 10.81 -7.27 -11.74
C TYR A 805 9.96 -6.13 -11.22
N THR A 806 8.98 -6.45 -10.37
CA THR A 806 8.13 -5.43 -9.73
C THR A 806 8.03 -5.78 -8.25
N ASP A 807 7.69 -4.82 -7.40
CA ASP A 807 7.57 -5.14 -5.98
C ASP A 807 6.14 -5.49 -5.56
N LEU A 808 6.06 -6.16 -4.40
CA LEU A 808 4.79 -6.48 -3.75
C LEU A 808 4.77 -5.74 -2.43
N ASN A 809 3.87 -4.73 -2.34
CA ASN A 809 3.61 -4.02 -1.09
C ASN A 809 4.85 -3.37 -0.47
N GLY A 810 5.86 -3.02 -1.29
CA GLY A 810 7.06 -2.40 -0.73
C GLY A 810 7.91 -3.36 0.12
N LEU A 811 7.64 -4.66 0.03
CA LEU A 811 8.28 -5.67 0.90
C LEU A 811 9.30 -6.56 0.16
N GLN A 812 9.02 -6.90 -1.09
CA GLN A 812 9.80 -7.92 -1.80
C GLN A 812 9.66 -7.65 -3.30
N PHE A 813 10.68 -8.05 -4.08
CA PHE A 813 10.64 -7.98 -5.55
C PHE A 813 10.42 -9.35 -6.15
N ILE A 814 9.45 -9.44 -7.07
CA ILE A 814 9.07 -10.71 -7.69
C ILE A 814 9.38 -10.66 -9.19
N LYS A 815 9.92 -11.77 -9.70
CA LYS A 815 10.18 -11.88 -11.14
C LYS A 815 8.87 -11.98 -11.94
N ARG A 816 8.78 -11.18 -13.00
CA ARG A 816 7.68 -11.22 -13.96
C ARG A 816 8.18 -11.69 -15.31
N ARG A 817 7.32 -12.40 -16.05
CA ARG A 817 7.64 -12.74 -17.44
C ARG A 817 6.50 -12.22 -18.32
N ARG A 818 6.85 -11.36 -19.27
CA ARG A 818 5.89 -10.90 -20.28
CA ARG A 818 5.89 -10.90 -20.28
C ARG A 818 5.41 -12.15 -21.01
N LEU A 819 4.11 -12.21 -21.27
CA LEU A 819 3.52 -13.34 -22.02
C LEU A 819 2.73 -12.81 -23.21
N ASP A 820 3.27 -13.07 -24.41
CA ASP A 820 2.60 -12.61 -25.62
C ASP A 820 1.31 -13.41 -25.91
N LYS A 821 1.12 -14.54 -25.22
CA LYS A 821 -0.15 -15.28 -25.31
C LYS A 821 -1.31 -14.59 -24.57
N LEU A 822 -0.98 -13.59 -23.73
CA LEU A 822 -2.01 -12.80 -23.00
C LEU A 822 -2.06 -11.39 -23.58
N PRO A 823 -3.21 -10.71 -23.45
CA PRO A 823 -3.30 -9.34 -23.97
C PRO A 823 -2.46 -8.33 -23.19
N LEU A 824 -2.24 -7.16 -23.80
CA LEU A 824 -1.41 -6.12 -23.23
C LEU A 824 -1.72 -5.85 -21.74
N GLN A 825 -3.00 -5.65 -21.43
CA GLN A 825 -3.42 -5.31 -20.06
C GLN A 825 -3.12 -6.39 -18.99
N ALA A 826 -2.96 -7.66 -19.43
CA ALA A 826 -2.62 -8.76 -18.53
C ALA A 826 -1.14 -8.68 -18.12
N ASN A 827 -0.34 -7.97 -18.92
CA ASN A 827 1.08 -7.84 -18.65
C ASN A 827 1.42 -6.61 -17.79
N TYR A 828 0.38 -5.87 -17.39
CA TYR A 828 0.48 -4.79 -16.41
C TYR A 828 0.40 -5.35 -14.99
N TYR A 829 1.27 -4.85 -14.09
CA TYR A 829 1.32 -5.31 -12.69
C TYR A 829 1.34 -4.10 -11.76
N PRO A 830 1.03 -4.31 -10.47
CA PRO A 830 1.17 -3.18 -9.54
C PRO A 830 2.65 -2.77 -9.41
N ILE A 831 2.91 -1.45 -9.32
CA ILE A 831 4.24 -0.93 -9.01
C ILE A 831 4.12 -0.15 -7.69
N PRO A 832 3.95 -0.87 -6.57
CA PRO A 832 3.73 -0.15 -5.31
C PRO A 832 4.93 0.68 -4.84
N SER A 833 6.17 0.29 -5.19
CA SER A 833 7.36 1.07 -4.83
C SER A 833 8.53 1.01 -5.80
N GLY A 834 8.55 0.04 -6.73
CA GLY A 834 9.66 0.03 -7.70
C GLY A 834 9.59 -1.10 -8.71
N MET A 835 10.43 -0.96 -9.72
CA MET A 835 10.52 -1.94 -10.81
C MET A 835 11.92 -1.88 -11.43
N PHE A 836 12.37 -3.00 -12.02
CA PHE A 836 13.65 -2.98 -12.73
C PHE A 836 13.71 -3.97 -13.88
N ILE A 837 14.63 -3.68 -14.81
CA ILE A 837 15.05 -4.64 -15.85
C ILE A 837 16.57 -4.78 -15.79
N GLU A 838 17.09 -5.93 -16.22
CA GLU A 838 18.53 -6.17 -16.24
C GLU A 838 18.94 -7.20 -17.28
N ASP A 839 20.22 -7.12 -17.67
CA ASP A 839 20.86 -8.21 -18.43
C ASP A 839 22.09 -8.66 -17.66
N ALA A 840 23.04 -9.35 -18.32
CA ALA A 840 24.23 -9.84 -17.60
C ALA A 840 25.03 -8.71 -16.95
N ASN A 841 25.01 -7.53 -17.58
CA ASN A 841 25.92 -6.43 -17.19
C ASN A 841 25.31 -5.17 -16.57
N THR A 842 24.07 -4.87 -16.94
CA THR A 842 23.47 -3.56 -16.67
C THR A 842 22.05 -3.72 -16.11
N ARG A 843 21.72 -2.88 -15.13
CA ARG A 843 20.35 -2.83 -14.56
C ARG A 843 19.85 -1.37 -14.56
N LEU A 844 18.56 -1.20 -14.83
CA LEU A 844 17.88 0.10 -14.64
C LEU A 844 16.72 -0.12 -13.67
N THR A 845 16.74 0.61 -12.56
CA THR A 845 15.70 0.53 -11.52
C THR A 845 14.97 1.89 -11.42
N LEU A 846 13.64 1.85 -11.43
CA LEU A 846 12.81 3.04 -11.21
C LEU A 846 12.09 2.85 -9.87
N LEU A 847 12.41 3.71 -8.89
CA LEU A 847 11.74 3.69 -7.57
C LEU A 847 10.63 4.75 -7.58
N THR A 848 9.51 4.46 -6.88
CA THR A 848 8.37 5.39 -6.86
CA THR A 848 8.35 5.36 -6.90
C THR A 848 7.97 5.86 -5.48
N GLY A 849 7.41 7.07 -5.43
CA GLY A 849 6.85 7.60 -4.17
C GLY A 849 5.32 7.41 -4.06
N GLN A 850 4.76 6.59 -4.93
CA GLN A 850 3.31 6.35 -5.01
C GLN A 850 3.07 5.06 -5.80
N PRO A 851 2.03 4.29 -5.44
CA PRO A 851 1.71 3.09 -6.25
C PRO A 851 1.03 3.47 -7.56
N LEU A 852 1.50 2.85 -8.66
CA LEU A 852 0.96 3.07 -10.01
C LEU A 852 1.04 1.75 -10.78
N GLY A 853 0.40 1.65 -11.94
CA GLY A 853 0.48 0.43 -12.77
C GLY A 853 1.64 0.50 -13.75
N GLY A 854 2.23 -0.65 -14.09
CA GLY A 854 3.33 -0.59 -15.06
C GLY A 854 3.70 -1.94 -15.65
N SER A 855 4.67 -1.92 -16.57
CA SER A 855 5.07 -3.14 -17.27
C SER A 855 6.41 -2.95 -17.96
N SER A 856 6.85 -4.03 -18.62
CA SER A 856 7.93 -3.95 -19.62
C SER A 856 7.38 -4.66 -20.88
N LEU A 857 6.93 -3.89 -21.88
CA LEU A 857 6.21 -4.48 -23.02
C LEU A 857 7.13 -4.92 -24.17
N ALA A 858 8.41 -4.60 -24.03
CA ALA A 858 9.44 -5.01 -24.99
C ALA A 858 10.77 -5.01 -24.29
N SER A 859 11.69 -5.84 -24.79
CA SER A 859 13.02 -5.92 -24.24
C SER A 859 13.63 -4.52 -24.13
N GLY A 860 14.28 -4.22 -23.02
CA GLY A 860 14.89 -2.90 -22.80
C GLY A 860 13.98 -1.78 -22.29
N GLU A 861 12.67 -2.03 -22.16
CA GLU A 861 11.72 -0.99 -21.76
C GLU A 861 11.20 -1.13 -20.33
N LEU A 862 10.86 0.00 -19.72
CA LEU A 862 10.04 0.07 -18.49
C LEU A 862 8.95 1.10 -18.77
N GLU A 863 7.75 0.91 -18.25
CA GLU A 863 6.74 1.98 -18.34
C GLU A 863 5.84 1.99 -17.12
N ILE A 864 5.33 3.18 -16.81
CA ILE A 864 4.49 3.36 -15.62
C ILE A 864 3.42 4.41 -15.90
N MET A 865 2.16 4.06 -15.61
CA MET A 865 1.03 4.94 -15.90
C MET A 865 0.98 6.10 -14.91
N GLN A 866 0.67 7.31 -15.43
CA GLN A 866 0.66 8.54 -14.63
C GLN A 866 -0.75 8.94 -14.16
N ASP A 867 -1.73 8.90 -15.07
CA ASP A 867 -3.14 9.15 -14.73
C ASP A 867 -3.99 8.61 -15.86
N ARG A 868 -5.29 8.52 -15.60
CA ARG A 868 -6.25 7.98 -16.55
C ARG A 868 -7.60 8.69 -16.33
N ARG A 869 -8.24 9.09 -17.44
CA ARG A 869 -9.51 9.80 -17.39
C ARG A 869 -10.45 9.07 -18.35
N LEU A 870 -11.54 8.53 -17.81
CA LEU A 870 -12.39 7.57 -18.52
C LEU A 870 -13.85 7.95 -18.40
N ALA A 871 -14.50 8.03 -19.55
CA ALA A 871 -15.87 8.49 -19.56
C ALA A 871 -16.91 7.44 -19.16
N SER A 872 -16.57 6.17 -19.35
CA SER A 872 -17.54 5.09 -19.19
C SER A 872 -17.39 4.32 -17.88
N ASP A 873 -18.52 3.77 -17.41
CA ASP A 873 -18.55 2.77 -16.35
C ASP A 873 -18.12 1.42 -16.93
N ASP A 874 -17.40 0.62 -16.14
CA ASP A 874 -16.90 -0.69 -16.58
C ASP A 874 -17.59 -1.89 -15.91
N GLU A 875 -18.85 -1.71 -15.52
CA GLU A 875 -19.74 -2.85 -15.20
C GLU A 875 -19.35 -3.69 -13.98
N ARG A 876 -18.69 -3.07 -13.00
CA ARG A 876 -18.36 -3.75 -11.72
C ARG A 876 -19.08 -3.13 -10.51
N GLY A 877 -20.07 -2.29 -10.78
CA GLY A 877 -20.94 -1.74 -9.72
C GLY A 877 -20.74 -0.29 -9.33
N LEU A 878 -19.66 0.33 -9.81
CA LEU A 878 -19.36 1.72 -9.43
C LEU A 878 -20.38 2.72 -9.99
N GLY A 879 -20.84 2.50 -11.22
CA GLY A 879 -21.87 3.34 -11.84
C GLY A 879 -21.42 4.74 -12.23
N GLN A 880 -20.13 4.91 -12.48
CA GLN A 880 -19.61 6.17 -13.01
C GLN A 880 -18.27 5.89 -13.66
N GLY A 881 -17.84 6.80 -14.54
CA GLY A 881 -16.46 6.80 -15.03
C GLY A 881 -15.50 7.43 -14.04
N VAL A 882 -14.32 7.79 -14.53
CA VAL A 882 -13.33 8.50 -13.73
C VAL A 882 -13.07 9.84 -14.40
N LEU A 883 -13.77 10.87 -13.90
CA LEU A 883 -13.74 12.21 -14.52
C LEU A 883 -13.44 13.31 -13.49
N ASP A 884 -12.91 12.91 -12.34
CA ASP A 884 -12.65 13.79 -11.19
C ASP A 884 -11.14 13.99 -10.96
N ASN A 885 -10.36 13.85 -12.02
CA ASN A 885 -8.92 14.04 -11.94
C ASN A 885 -8.54 15.41 -11.39
N LYS A 886 -7.39 15.45 -10.72
CA LYS A 886 -6.84 16.71 -10.22
C LYS A 886 -5.31 16.65 -10.30
N PRO A 887 -4.64 17.82 -10.41
CA PRO A 887 -3.17 17.81 -10.50
C PRO A 887 -2.52 17.03 -9.37
N VAL A 888 -1.51 16.21 -9.72
CA VAL A 888 -0.77 15.41 -8.75
C VAL A 888 0.72 15.49 -9.07
N LEU A 889 1.56 15.59 -8.04
CA LEU A 889 3.01 15.56 -8.21
C LEU A 889 3.56 14.14 -7.91
N HIS A 890 3.85 13.39 -8.96
CA HIS A 890 4.47 12.07 -8.82
C HIS A 890 6.00 12.21 -8.68
N ILE A 891 6.61 11.39 -7.81
CA ILE A 891 8.05 11.46 -7.57
C ILE A 891 8.71 10.08 -7.77
N TYR A 892 9.96 10.10 -8.23
CA TYR A 892 10.73 8.89 -8.57
C TYR A 892 12.22 9.08 -8.33
N ARG A 893 12.96 7.97 -8.28
CA ARG A 893 14.42 7.98 -8.46
C ARG A 893 14.76 7.00 -9.58
N LEU A 894 15.77 7.35 -10.39
CA LEU A 894 16.17 6.53 -11.54
C LEU A 894 17.63 6.09 -11.38
N VAL A 895 17.84 4.79 -11.18
CA VAL A 895 19.16 4.23 -10.84
C VAL A 895 19.68 3.30 -11.95
N LEU A 896 20.69 3.76 -12.69
CA LEU A 896 21.41 2.93 -13.68
C LEU A 896 22.66 2.39 -13.00
N GLU A 897 22.88 1.07 -13.09
CA GLU A 897 24.01 0.44 -12.39
C GLU A 897 24.63 -0.69 -13.21
N LYS A 898 25.91 -0.91 -13.00
CA LYS A 898 26.58 -2.13 -13.48
C LYS A 898 26.35 -3.26 -12.48
N VAL A 899 25.92 -4.41 -12.98
CA VAL A 899 25.60 -5.56 -12.10
C VAL A 899 26.37 -6.84 -12.43
N ASN A 900 27.33 -6.75 -13.35
CA ASN A 900 28.14 -7.93 -13.69
C ASN A 900 28.89 -8.57 -12.52
N ASN A 901 29.21 -7.78 -11.50
CA ASN A 901 29.91 -8.28 -10.30
C ASN A 901 29.00 -8.70 -9.15
N CYS A 902 27.68 -8.51 -9.30
CA CYS A 902 26.73 -8.82 -8.23
C CYS A 902 26.41 -10.31 -8.13
N VAL A 903 26.33 -10.81 -6.90
CA VAL A 903 25.88 -12.19 -6.67
C VAL A 903 24.34 -12.22 -6.72
N ARG A 904 23.81 -12.73 -7.83
CA ARG A 904 22.36 -12.73 -8.09
C ARG A 904 21.78 -14.14 -7.95
N PRO A 905 20.46 -14.24 -7.76
CA PRO A 905 19.83 -15.57 -7.78
C PRO A 905 20.04 -16.26 -9.12
N SER A 906 19.95 -17.60 -9.11
CA SER A 906 20.00 -18.37 -10.35
C SER A 906 18.79 -18.09 -11.23
N LYS A 907 18.89 -18.54 -12.49
CA LYS A 907 17.84 -18.31 -13.47
C LYS A 907 16.46 -18.86 -13.06
N LEU A 908 16.43 -19.87 -12.20
CA LEU A 908 15.15 -20.48 -11.79
C LEU A 908 14.55 -19.89 -10.51
N HIS A 909 15.26 -18.96 -9.87
CA HIS A 909 14.75 -18.36 -8.61
C HIS A 909 13.64 -17.35 -8.95
N PRO A 910 12.51 -17.39 -8.22
CA PRO A 910 11.43 -16.46 -8.55
C PRO A 910 11.56 -15.03 -7.97
N ALA A 911 12.60 -14.73 -7.19
CA ALA A 911 12.78 -13.39 -6.59
C ALA A 911 13.90 -12.59 -7.23
N GLY A 912 13.88 -11.28 -6.99
CA GLY A 912 15.03 -10.43 -7.23
C GLY A 912 15.26 -9.52 -6.02
N TYR A 913 16.41 -8.84 -6.00
CA TYR A 913 16.82 -8.01 -4.86
C TYR A 913 17.46 -6.73 -5.34
N LEU A 914 17.21 -5.64 -4.60
CA LEU A 914 17.84 -4.34 -4.86
C LEU A 914 19.30 -4.31 -4.47
N THR A 915 20.03 -3.36 -5.08
CA THR A 915 21.34 -2.95 -4.60
C THR A 915 21.19 -1.93 -3.46
N SER A 916 22.28 -1.69 -2.72
CA SER A 916 22.32 -0.64 -1.72
C SER A 916 21.86 0.72 -2.25
N ALA A 917 22.36 1.14 -3.42
CA ALA A 917 21.99 2.47 -3.93
C ALA A 917 20.48 2.56 -4.24
N ALA A 918 19.90 1.49 -4.80
CA ALA A 918 18.47 1.52 -5.12
C ALA A 918 17.60 1.50 -3.86
N HIS A 919 18.01 0.74 -2.85
CA HIS A 919 17.28 0.72 -1.59
C HIS A 919 17.32 2.09 -0.90
N LYS A 920 18.50 2.71 -0.83
CA LYS A 920 18.60 4.06 -0.25
C LYS A 920 17.76 5.07 -1.04
N ALA A 921 17.72 4.92 -2.36
CA ALA A 921 16.89 5.80 -3.20
C ALA A 921 15.40 5.62 -2.87
N SER A 922 14.96 4.38 -2.66
CA SER A 922 13.57 4.16 -2.27
C SER A 922 13.26 4.83 -0.91
N GLN A 923 14.18 4.70 0.06
CA GLN A 923 14.00 5.31 1.38
C GLN A 923 13.93 6.84 1.26
N SER A 924 14.67 7.44 0.30
CA SER A 924 14.68 8.89 0.12
C SER A 924 13.31 9.40 -0.33
N LEU A 925 12.56 8.54 -1.03
CA LEU A 925 11.20 8.88 -1.50
C LEU A 925 10.14 8.64 -0.42
N LEU A 926 10.22 7.50 0.27
CA LEU A 926 9.16 7.13 1.20
C LEU A 926 9.32 7.72 2.61
N ASP A 927 10.57 7.86 3.07
CA ASP A 927 10.83 8.34 4.43
C ASP A 927 11.94 9.41 4.42
N PRO A 928 11.67 10.56 3.76
CA PRO A 928 12.67 11.65 3.71
C PRO A 928 12.87 12.27 5.10
N LEU A 929 13.87 13.15 5.26
CA LEU A 929 13.93 14.00 6.45
C LEU A 929 12.65 14.84 6.57
N ASP A 930 12.18 15.01 7.81
CA ASP A 930 11.10 15.97 8.11
C ASP A 930 11.71 17.34 8.45
N LYS A 931 11.03 18.41 8.05
CA LYS A 931 11.54 19.77 8.24
C LYS A 931 10.58 20.61 9.05
N PHE A 932 11.11 21.30 10.06
CA PHE A 932 10.30 22.11 10.98
C PHE A 932 10.84 23.55 11.01
N ILE A 933 9.94 24.54 10.95
CA ILE A 933 10.34 25.96 11.02
C ILE A 933 9.83 26.53 12.35
N PHE A 934 10.72 27.09 13.18
CA PHE A 934 10.27 27.65 14.47
C PHE A 934 9.30 28.83 14.21
N ALA A 935 8.15 28.84 14.89
CA ALA A 935 7.07 29.73 14.52
C ALA A 935 7.09 31.12 15.16
N GLU A 936 7.83 31.31 16.24
CA GLU A 936 7.89 32.62 16.90
C GLU A 936 9.28 33.24 16.70
N ASN A 937 9.51 34.44 17.24
CA ASN A 937 10.77 35.13 16.96
C ASN A 937 12.00 34.56 17.63
N GLU A 938 11.84 34.11 18.88
CA GLU A 938 12.96 33.58 19.68
C GLU A 938 12.60 32.27 20.37
N TRP A 939 13.48 31.28 20.23
CA TRP A 939 13.28 29.98 20.89
C TRP A 939 14.18 29.93 22.13
N ILE A 940 13.57 30.17 23.29
CA ILE A 940 14.35 30.19 24.53
C ILE A 940 14.70 28.76 24.97
N GLY A 941 15.98 28.50 25.23
CA GLY A 941 16.42 27.16 25.68
C GLY A 941 16.71 26.14 24.57
N ALA A 942 16.81 26.62 23.32
CA ALA A 942 17.07 25.75 22.16
C ALA A 942 18.34 24.90 22.26
N GLN A 943 18.26 23.63 21.84
CA GLN A 943 19.40 22.72 21.78
C GLN A 943 19.71 22.28 20.34
N GLY A 944 20.93 21.86 20.09
CA GLY A 944 21.44 21.63 18.76
C GLY A 944 21.15 20.27 18.14
N GLN A 945 20.94 19.26 18.98
CA GLN A 945 20.84 17.88 18.49
C GLN A 945 20.12 16.99 19.48
N PHE A 946 19.44 15.95 18.95
CA PHE A 946 18.88 14.87 19.77
C PHE A 946 19.24 13.55 19.09
N GLY A 947 19.65 12.55 19.87
CA GLY A 947 19.91 11.23 19.32
C GLY A 947 21.33 10.95 18.86
N GLY A 948 22.29 11.82 19.18
CA GLY A 948 23.68 11.59 18.78
C GLY A 948 24.28 10.31 19.35
N ASP A 949 23.72 9.81 20.47
CA ASP A 949 24.14 8.53 21.05
C ASP A 949 23.34 7.30 20.59
N HIS A 950 22.37 7.49 19.68
CA HIS A 950 21.61 6.35 19.14
C HIS A 950 22.51 5.50 18.22
N PRO A 951 22.44 4.15 18.31
CA PRO A 951 23.24 3.31 17.40
C PRO A 951 22.91 3.52 15.92
N SER A 952 23.93 3.52 15.08
CA SER A 952 23.76 3.65 13.64
C SER A 952 23.82 2.24 13.04
N ALA A 953 22.64 1.69 12.73
CA ALA A 953 22.49 0.29 12.35
C ALA A 953 22.87 0.02 10.89
N ARG A 954 23.20 -1.23 10.58
CA ARG A 954 23.50 -1.63 9.21
C ARG A 954 22.38 -1.17 8.25
N GLU A 955 22.77 -0.82 7.04
CA GLU A 955 21.89 -0.15 6.08
C GLU A 955 20.65 -0.97 5.70
N ASP A 956 20.72 -2.30 5.82
CA ASP A 956 19.56 -3.14 5.45
C ASP A 956 18.52 -3.27 6.55
N LEU A 957 18.80 -2.69 7.72
CA LEU A 957 17.87 -2.80 8.87
C LEU A 957 17.04 -1.52 9.04
N ASP A 958 15.74 -1.67 9.29
CA ASP A 958 14.89 -0.51 9.60
C ASP A 958 14.09 -0.75 10.87
N VAL A 959 13.83 0.34 11.61
CA VAL A 959 12.83 0.35 12.69
C VAL A 959 11.54 0.87 12.04
N SER A 960 10.76 -0.06 11.50
CA SER A 960 9.57 0.26 10.74
C SER A 960 8.51 0.99 11.60
N VAL A 961 8.40 0.55 12.86
CA VAL A 961 7.46 1.12 13.84
C VAL A 961 8.16 1.29 15.17
N MET A 962 7.98 2.47 15.79
CA MET A 962 8.25 2.65 17.22
C MET A 962 6.97 3.28 17.82
N ARG A 963 6.38 2.63 18.83
CA ARG A 963 5.09 3.03 19.37
C ARG A 963 5.05 2.81 20.87
N ARG A 964 4.84 3.88 21.65
CA ARG A 964 4.58 3.66 23.09
C ARG A 964 3.17 3.07 23.26
N LEU A 965 3.10 1.99 24.04
CA LEU A 965 1.87 1.18 24.17
C LEU A 965 1.05 1.48 25.41
N THR A 966 1.62 2.26 26.33
CA THR A 966 1.00 2.60 27.61
C THR A 966 0.78 4.09 27.77
N LYS A 967 -0.32 4.46 28.45
CA LYS A 967 -0.57 5.85 28.84
C LYS A 967 0.22 6.19 30.12
N SER A 968 0.23 7.47 30.49
CA SER A 968 1.15 7.93 31.53
C SER A 968 0.85 7.39 32.93
N SER A 969 -0.37 6.94 33.17
CA SER A 969 -0.74 6.38 34.50
C SER A 969 -0.20 4.97 34.79
N ALA A 970 0.31 4.27 33.78
CA ALA A 970 0.86 2.94 33.95
C ALA A 970 2.19 2.94 34.69
N LYS A 971 2.27 2.21 35.81
CA LYS A 971 3.51 2.06 36.57
C LYS A 971 4.66 1.51 35.71
N THR A 972 4.35 0.47 34.91
CA THR A 972 5.33 -0.12 34.01
C THR A 972 5.02 0.37 32.59
N GLN A 973 5.91 1.22 32.05
CA GLN A 973 5.75 1.70 30.66
C GLN A 973 6.21 0.63 29.68
N ARG A 974 5.53 0.57 28.53
CA ARG A 974 5.87 -0.41 27.49
C ARG A 974 6.00 0.29 26.14
N VAL A 975 7.07 -0.04 25.40
CA VAL A 975 7.29 0.52 24.06
C VAL A 975 7.50 -0.64 23.08
N GLY A 976 6.76 -0.56 21.96
CA GLY A 976 6.82 -1.59 20.92
C GLY A 976 7.61 -1.13 19.70
N TYR A 977 8.36 -2.07 19.14
CA TYR A 977 9.19 -1.85 17.96
C TYR A 977 8.93 -2.96 16.93
N VAL A 978 8.77 -2.58 15.65
CA VAL A 978 8.78 -3.55 14.53
C VAL A 978 10.11 -3.33 13.80
N LEU A 979 10.90 -4.40 13.69
CA LEU A 979 12.21 -4.36 13.04
C LEU A 979 12.14 -5.18 11.77
N HIS A 980 12.53 -4.58 10.64
CA HIS A 980 12.53 -5.25 9.34
C HIS A 980 13.94 -5.24 8.73
N ARG A 981 14.45 -6.40 8.31
CA ARG A 981 15.71 -6.41 7.53
C ARG A 981 15.41 -6.83 6.11
N THR A 982 15.76 -5.97 5.15
CA THR A 982 15.63 -6.34 3.74
C THR A 982 16.84 -7.21 3.34
N ASN A 983 16.95 -7.54 2.05
CA ASN A 983 18.14 -8.26 1.55
C ASN A 983 18.67 -7.48 0.35
N LEU A 984 19.93 -7.06 0.46
CA LEU A 984 20.61 -6.28 -0.60
C LEU A 984 21.69 -7.12 -1.27
N MET A 985 21.86 -6.93 -2.57
CA MET A 985 22.87 -7.72 -3.30
C MET A 985 24.29 -7.43 -2.88
N GLN A 986 25.10 -8.48 -2.86
CA GLN A 986 26.54 -8.36 -2.66
C GLN A 986 27.17 -8.06 -4.00
N CYS A 987 27.76 -6.87 -4.15
CA CYS A 987 28.38 -6.48 -5.44
C CYS A 987 29.84 -6.04 -5.31
N GLY A 988 30.50 -6.35 -4.20
CA GLY A 988 31.94 -6.06 -4.09
C GLY A 988 32.32 -4.79 -3.36
N THR A 989 31.34 -4.10 -2.78
CA THR A 989 31.63 -2.93 -1.96
C THR A 989 31.95 -3.41 -0.54
N PRO A 990 33.20 -3.20 -0.09
CA PRO A 990 33.65 -3.72 1.21
C PRO A 990 32.77 -3.22 2.33
N GLU A 991 32.49 -4.10 3.29
CA GLU A 991 31.64 -3.72 4.42
C GLU A 991 32.45 -2.97 5.47
N GLU A 992 31.89 -1.85 5.92
CA GLU A 992 32.42 -1.13 7.06
C GLU A 992 31.62 -1.55 8.30
N HIS A 993 32.30 -1.65 9.44
CA HIS A 993 31.63 -1.99 10.69
C HIS A 993 30.59 -0.90 11.02
N THR A 994 29.44 -1.36 11.51
CA THR A 994 28.36 -0.48 11.98
C THR A 994 28.07 -0.92 13.41
N GLN A 995 27.11 -0.28 14.09
CA GLN A 995 26.81 -0.69 15.48
C GLN A 995 25.59 -1.59 15.56
N LYS A 996 25.63 -2.55 16.49
CA LYS A 996 24.49 -3.39 16.80
C LYS A 996 23.35 -2.52 17.32
N LEU A 997 22.15 -2.74 16.80
CA LEU A 997 20.98 -2.04 17.33
C LEU A 997 20.19 -2.98 18.23
N ASP A 998 20.09 -2.61 19.52
CA ASP A 998 19.25 -3.33 20.48
C ASP A 998 18.11 -2.39 20.87
N VAL A 999 16.94 -2.59 20.27
CA VAL A 999 15.84 -1.65 20.53
C VAL A 999 15.41 -1.63 22.01
N CYS A 1000 15.62 -2.73 22.73
CA CYS A 1000 15.19 -2.77 24.13
C CYS A 1000 15.95 -1.85 25.08
N HIS A 1001 17.13 -1.37 24.65
CA HIS A 1001 17.92 -0.42 25.43
C HIS A 1001 17.90 1.01 24.87
N LEU A 1002 17.02 1.30 23.91
CA LEU A 1002 16.88 2.69 23.42
C LEU A 1002 16.32 3.66 24.47
N LEU A 1003 15.45 3.18 25.34
CA LEU A 1003 14.94 3.97 26.47
C LEU A 1003 15.60 3.43 27.73
N PRO A 1004 15.85 4.32 28.71
CA PRO A 1004 16.55 3.91 29.93
C PRO A 1004 15.69 3.08 30.88
N ASN A 1005 16.35 2.47 31.87
CA ASN A 1005 15.66 1.74 32.93
C ASN A 1005 14.83 0.55 32.44
N VAL A 1006 15.36 -0.19 31.48
CA VAL A 1006 14.68 -1.41 30.99
C VAL A 1006 14.61 -2.48 32.09
N ALA A 1007 13.43 -3.06 32.25
CA ALA A 1007 13.18 -4.12 33.25
C ALA A 1007 12.87 -5.47 32.60
N ARG A 1008 12.46 -5.46 31.33
CA ARG A 1008 12.09 -6.69 30.62
C ARG A 1008 12.10 -6.40 29.11
N CYS A 1009 12.45 -7.40 28.31
CA CYS A 1009 12.37 -7.32 26.83
C CYS A 1009 11.73 -8.60 26.35
N GLU A 1010 10.69 -8.48 25.52
CA GLU A 1010 9.95 -9.64 25.01
C GLU A 1010 9.84 -9.57 23.50
N ARG A 1011 9.99 -10.72 22.82
CA ARG A 1011 9.59 -10.81 21.42
C ARG A 1011 8.09 -11.07 21.38
N THR A 1012 7.38 -10.39 20.48
CA THR A 1012 5.92 -10.49 20.40
C THR A 1012 5.48 -10.78 18.95
N THR A 1013 4.21 -11.13 18.78
CA THR A 1013 3.59 -11.06 17.46
C THR A 1013 3.68 -9.62 16.90
N LEU A 1014 3.51 -9.45 15.58
CA LEU A 1014 3.75 -8.10 14.98
C LEU A 1014 2.74 -7.03 15.41
N THR A 1015 1.59 -7.47 15.92
CA THR A 1015 0.53 -6.61 16.44
C THR A 1015 0.76 -6.22 17.91
N PHE A 1016 1.82 -6.77 18.53
CA PHE A 1016 2.19 -6.57 19.95
C PHE A 1016 1.26 -7.30 20.93
N LEU A 1017 0.34 -8.15 20.44
CA LEU A 1017 -0.74 -8.67 21.31
C LEU A 1017 -0.42 -9.95 22.06
N GLN A 1018 0.66 -10.65 21.69
CA GLN A 1018 1.04 -11.90 22.38
C GLN A 1018 2.54 -11.97 22.57
N ASN A 1019 2.96 -12.28 23.80
CA ASN A 1019 4.38 -12.48 24.11
C ASN A 1019 4.81 -13.86 23.66
N LEU A 1020 5.88 -13.94 22.89
CA LEU A 1020 6.38 -15.20 22.35
C LEU A 1020 7.68 -15.69 23.00
N GLU A 1021 8.49 -14.77 23.50
CA GLU A 1021 9.81 -15.11 24.09
C GLU A 1021 10.25 -14.06 25.11
N HIS A 1022 10.71 -14.50 26.27
CA HIS A 1022 11.30 -13.63 27.28
C HIS A 1022 12.81 -13.60 27.05
N LEU A 1023 13.36 -12.42 26.78
CA LEU A 1023 14.71 -12.33 26.22
C LEU A 1023 15.82 -12.14 27.25
N ASP A 1024 16.82 -13.00 27.16
CA ASP A 1024 17.99 -12.98 28.05
C ASP A 1024 18.71 -11.65 28.00
N GLY A 1025 19.05 -11.13 29.18
CA GLY A 1025 19.80 -9.89 29.31
C GLY A 1025 19.05 -8.67 28.84
N MET A 1026 17.73 -8.82 28.59
CA MET A 1026 16.88 -7.75 28.07
C MET A 1026 17.41 -7.20 26.73
N VAL A 1027 17.99 -8.07 25.92
CA VAL A 1027 18.55 -7.70 24.62
C VAL A 1027 17.69 -8.24 23.48
N ALA A 1028 17.28 -7.34 22.58
CA ALA A 1028 16.48 -7.70 21.40
C ALA A 1028 17.43 -7.98 20.27
N PRO A 1029 17.51 -9.25 19.83
CA PRO A 1029 18.42 -9.55 18.72
C PRO A 1029 17.97 -8.94 17.39
N GLU A 1030 18.93 -8.64 16.54
CA GLU A 1030 18.63 -8.26 15.16
C GLU A 1030 18.08 -9.47 14.38
N VAL A 1031 17.33 -9.16 13.34
CA VAL A 1031 16.64 -10.16 12.54
C VAL A 1031 17.44 -10.54 11.29
N CYS A 1032 17.09 -11.68 10.70
CA CYS A 1032 17.70 -12.18 9.47
C CYS A 1032 17.20 -11.45 8.21
N PRO A 1033 17.96 -11.52 7.10
CA PRO A 1033 17.47 -10.93 5.84
C PRO A 1033 16.08 -11.46 5.46
N MET A 1034 15.22 -10.52 5.06
CA MET A 1034 13.82 -10.74 4.67
C MET A 1034 12.88 -11.07 5.84
N GLU A 1035 13.37 -10.99 7.06
CA GLU A 1035 12.53 -11.24 8.23
C GLU A 1035 12.09 -9.95 8.92
N THR A 1036 10.96 -10.04 9.63
CA THR A 1036 10.39 -8.94 10.39
C THR A 1036 10.06 -9.51 11.77
N ALA A 1037 10.46 -8.80 12.83
CA ALA A 1037 10.16 -9.21 14.22
C ALA A 1037 9.63 -8.02 14.99
N ALA A 1038 8.93 -8.31 16.08
CA ALA A 1038 8.47 -7.27 16.98
C ALA A 1038 8.99 -7.51 18.39
N TYR A 1039 9.31 -6.41 19.08
CA TYR A 1039 9.80 -6.48 20.45
C TYR A 1039 9.08 -5.45 21.29
N VAL A 1040 8.86 -5.77 22.58
CA VAL A 1040 8.33 -4.79 23.51
C VAL A 1040 9.28 -4.69 24.70
N SER A 1041 9.71 -3.47 25.00
CA SER A 1041 10.53 -3.21 26.19
C SER A 1041 9.65 -2.63 27.30
N SER A 1042 9.89 -3.08 28.53
CA SER A 1042 9.17 -2.62 29.72
C SER A 1042 10.14 -1.82 30.60
N HIS A 1043 9.65 -0.71 31.15
CA HIS A 1043 10.51 0.26 31.86
C HIS A 1043 9.86 0.66 33.18
N SER A 1044 10.65 0.65 34.25
CA SER A 1044 10.13 1.11 35.53
C SER A 1044 10.09 2.64 35.53
N SER A 1045 8.90 3.22 35.78
CA SER A 1045 8.73 4.70 35.73
C SER A 1045 8.52 5.38 37.09
#